data_6QEU
#
_entry.id   6QEU
#
_entity_poly.entity_id   1
_entity_poly.type   'polypeptide(L)'
_entity_poly.pdbx_seq_one_letter_code
;LPRDTSRCVGYHGYCIRSKVCPKPFAAFGTCSWRQKTCCVDTTSDFHTCQDKGGHCVSPKIRCLEEQLGLCPLKRWTCCK
EI
;
_entity_poly.pdbx_strand_id   A
#
# COMPACT_ATOMS: atom_id res chain seq x y z
N LEU A 1 -18.80 -10.93 4.96
CA LEU A 1 -17.63 -10.06 4.70
C LEU A 1 -17.15 -10.30 3.27
N PRO A 2 -16.62 -9.26 2.60
CA PRO A 2 -16.11 -9.37 1.23
C PRO A 2 -15.03 -10.44 1.11
N ARG A 3 -14.97 -11.05 -0.07
CA ARG A 3 -14.21 -12.28 -0.31
C ARG A 3 -12.77 -12.24 0.22
N ASP A 4 -12.11 -11.11 0.04
CA ASP A 4 -10.68 -11.00 0.36
C ASP A 4 -10.43 -10.14 1.59
N THR A 5 -11.48 -9.66 2.24
CA THR A 5 -11.30 -8.80 3.39
C THR A 5 -10.69 -9.55 4.56
N SER A 6 -11.32 -10.66 4.96
CA SER A 6 -10.85 -11.45 6.09
C SER A 6 -9.42 -11.92 5.83
N ARG A 7 -9.17 -12.29 4.58
CA ARG A 7 -7.84 -12.62 4.10
C ARG A 7 -6.87 -11.46 4.34
N CYS A 8 -7.27 -10.29 3.88
CA CYS A 8 -6.42 -9.11 3.87
C CYS A 8 -6.10 -8.64 5.28
N VAL A 9 -7.02 -8.86 6.20
CA VAL A 9 -6.84 -8.43 7.60
C VAL A 9 -5.52 -8.90 8.17
N GLY A 10 -5.13 -10.12 7.84
CA GLY A 10 -3.86 -10.65 8.29
C GLY A 10 -2.70 -10.22 7.42
N TYR A 11 -2.99 -9.85 6.17
CA TYR A 11 -1.95 -9.52 5.21
C TYR A 11 -1.63 -8.03 5.20
N HIS A 12 -2.58 -7.24 4.75
CA HIS A 12 -2.34 -5.82 4.51
C HIS A 12 -3.27 -4.97 5.36
N GLY A 13 -3.84 -5.58 6.39
CA GLY A 13 -4.64 -4.83 7.35
C GLY A 13 -6.13 -4.97 7.10
N TYR A 14 -6.91 -4.16 7.80
CA TYR A 14 -8.36 -4.20 7.67
C TYR A 14 -8.78 -3.54 6.37
N CYS A 15 -10.07 -3.47 6.11
CA CYS A 15 -10.52 -2.94 4.84
C CYS A 15 -11.71 -2.01 5.00
N ILE A 16 -11.42 -0.72 4.86
CA ILE A 16 -12.44 0.31 4.93
C ILE A 16 -12.88 0.68 3.52
N ARG A 17 -13.75 1.65 3.38
CA ARG A 17 -14.23 2.04 2.07
C ARG A 17 -13.18 2.82 1.29
N SER A 18 -12.57 3.81 1.93
CA SER A 18 -11.74 4.76 1.22
C SER A 18 -10.33 4.82 1.78
N LYS A 19 -9.45 5.56 1.11
CA LYS A 19 -8.04 5.63 1.45
C LYS A 19 -7.81 6.59 2.61
N VAL A 20 -8.86 6.81 3.35
CA VAL A 20 -8.86 7.69 4.51
C VAL A 20 -8.23 7.02 5.72
N CYS A 21 -7.23 6.18 5.45
CA CYS A 21 -6.54 5.44 6.49
C CYS A 21 -5.90 6.38 7.51
N PRO A 22 -6.05 6.08 8.80
CA PRO A 22 -5.41 6.82 9.89
C PRO A 22 -3.92 6.56 9.93
N LYS A 23 -3.23 7.09 10.93
CA LYS A 23 -1.81 6.91 11.03
C LYS A 23 -1.45 6.15 12.32
N PRO A 24 -0.43 5.27 12.25
CA PRO A 24 0.24 4.91 11.00
C PRO A 24 -0.49 3.78 10.27
N PHE A 25 -1.21 4.13 9.22
CA PHE A 25 -1.90 3.13 8.42
C PHE A 25 -1.84 3.53 6.96
N ALA A 26 -1.51 2.59 6.12
CA ALA A 26 -1.34 2.87 4.71
C ALA A 26 -2.49 2.28 3.91
N ALA A 27 -3.03 3.10 3.00
CA ALA A 27 -3.96 2.62 2.01
C ALA A 27 -3.28 1.58 1.13
N PHE A 28 -3.37 0.35 1.55
CA PHE A 28 -2.69 -0.74 0.89
C PHE A 28 -3.60 -1.29 -0.18
N GLY A 29 -3.51 -0.69 -1.37
CA GLY A 29 -4.30 -1.10 -2.51
C GLY A 29 -5.74 -1.34 -2.16
N THR A 30 -6.24 -2.48 -2.58
CA THR A 30 -7.60 -2.88 -2.30
C THR A 30 -7.60 -4.33 -1.82
N CYS A 31 -8.51 -4.68 -0.92
CA CYS A 31 -8.53 -6.04 -0.40
C CYS A 31 -9.28 -6.98 -1.35
N SER A 32 -10.60 -6.81 -1.41
CA SER A 32 -11.42 -7.64 -2.26
C SER A 32 -11.98 -6.80 -3.41
N TRP A 33 -12.87 -5.89 -3.07
CA TRP A 33 -13.41 -4.97 -4.06
C TRP A 33 -12.54 -3.74 -4.11
N ARG A 34 -12.45 -3.13 -5.27
CA ARG A 34 -11.70 -1.88 -5.43
C ARG A 34 -12.42 -0.78 -4.68
N GLN A 35 -13.72 -0.97 -4.54
CA GLN A 35 -14.60 -0.08 -3.79
C GLN A 35 -14.09 0.21 -2.39
N LYS A 36 -13.31 -0.72 -1.83
CA LYS A 36 -12.74 -0.55 -0.50
C LYS A 36 -11.22 -0.53 -0.55
N THR A 37 -10.62 -0.08 0.54
CA THR A 37 -9.17 0.04 0.66
C THR A 37 -8.66 -0.79 1.83
N CYS A 38 -7.53 -1.45 1.66
CA CYS A 38 -6.95 -2.23 2.73
C CYS A 38 -6.02 -1.32 3.54
N CYS A 39 -6.03 -1.44 4.85
CA CYS A 39 -5.27 -0.54 5.69
C CYS A 39 -4.62 -1.29 6.85
N VAL A 40 -3.30 -1.30 6.86
CA VAL A 40 -2.57 -1.99 7.91
C VAL A 40 -1.71 -1.00 8.69
N ASP A 41 -1.51 -1.28 9.98
CA ASP A 41 -0.68 -0.45 10.84
C ASP A 41 0.76 -0.48 10.36
N THR A 42 1.09 0.42 9.48
CA THR A 42 2.35 0.39 8.79
C THR A 42 3.45 1.06 9.62
N THR A 43 4.07 0.27 10.49
CA THR A 43 5.13 0.76 11.35
C THR A 43 6.50 0.15 11.02
N SER A 44 6.69 -1.11 11.39
CA SER A 44 8.01 -1.73 11.31
C SER A 44 8.26 -2.50 10.01
N ASP A 45 7.64 -3.67 9.88
CA ASP A 45 7.89 -4.57 8.74
C ASP A 45 6.91 -4.29 7.61
N PHE A 46 5.97 -3.41 7.90
CA PHE A 46 4.84 -3.12 7.03
C PHE A 46 5.23 -2.41 5.74
N HIS A 47 6.53 -2.19 5.55
CA HIS A 47 7.12 -1.71 4.27
C HIS A 47 6.68 -2.59 3.07
N THR A 48 5.81 -3.56 3.34
CA THR A 48 5.30 -4.60 2.43
C THR A 48 4.86 -4.12 1.01
N CYS A 49 5.04 -2.86 0.71
CA CYS A 49 4.69 -2.27 -0.59
C CYS A 49 4.98 -3.19 -1.79
N GLN A 50 6.10 -3.91 -1.75
CA GLN A 50 6.49 -4.78 -2.86
C GLN A 50 5.48 -5.92 -3.10
N ASP A 51 4.69 -6.24 -2.07
CA ASP A 51 3.65 -7.27 -2.20
C ASP A 51 2.59 -6.83 -3.19
N LYS A 52 2.34 -5.53 -3.21
CA LYS A 52 1.36 -4.95 -4.12
C LYS A 52 2.02 -4.62 -5.46
N GLY A 53 3.30 -4.96 -5.57
CA GLY A 53 4.06 -4.55 -6.72
C GLY A 53 4.43 -3.09 -6.63
N GLY A 54 4.90 -2.67 -5.46
CA GLY A 54 5.33 -1.30 -5.28
C GLY A 54 6.42 -0.93 -6.25
N HIS A 55 6.16 0.11 -7.05
CA HIS A 55 7.07 0.50 -8.11
C HIS A 55 8.14 1.44 -7.57
N CYS A 56 9.13 1.71 -8.38
CA CYS A 56 10.22 2.59 -8.01
C CYS A 56 10.36 3.68 -9.05
N VAL A 57 10.17 4.91 -8.62
CA VAL A 57 10.21 6.02 -9.54
C VAL A 57 11.28 7.02 -9.12
N SER A 58 12.04 7.46 -10.11
CA SER A 58 13.09 8.42 -9.92
C SER A 58 12.49 9.81 -9.71
N PRO A 59 13.22 10.70 -9.02
CA PRO A 59 12.73 12.04 -8.67
C PRO A 59 12.28 12.90 -9.87
N LYS A 60 12.45 12.38 -11.08
CA LYS A 60 11.98 13.08 -12.28
C LYS A 60 10.64 12.51 -12.76
N ILE A 61 10.22 11.39 -12.18
CA ILE A 61 9.00 10.71 -12.60
C ILE A 61 7.79 11.37 -11.98
N ARG A 62 6.71 11.48 -12.75
CA ARG A 62 5.48 12.04 -12.24
C ARG A 62 4.48 10.93 -11.99
N CYS A 63 4.55 10.37 -10.80
CA CYS A 63 3.70 9.26 -10.41
C CYS A 63 3.11 9.52 -9.04
N LEU A 64 1.97 8.91 -8.74
CA LEU A 64 1.42 8.99 -7.41
C LEU A 64 2.25 8.11 -6.49
N GLU A 65 3.33 8.69 -5.99
CA GLU A 65 4.31 7.97 -5.23
C GLU A 65 3.97 7.88 -3.75
N GLU A 66 4.77 7.08 -3.04
CA GLU A 66 4.63 6.83 -1.60
C GLU A 66 3.75 5.63 -1.33
N GLN A 67 4.32 4.46 -1.56
CA GLN A 67 3.70 3.21 -1.20
C GLN A 67 4.19 2.84 0.20
N LEU A 68 5.43 2.34 0.27
CA LEU A 68 6.07 1.98 1.53
C LEU A 68 7.49 1.47 1.29
N GLY A 69 8.37 1.74 2.23
CA GLY A 69 9.71 1.20 2.15
C GLY A 69 10.63 2.04 1.31
N LEU A 70 11.88 1.62 1.22
CA LEU A 70 12.88 2.32 0.42
C LEU A 70 13.24 1.48 -0.79
N CYS A 71 13.28 2.13 -1.94
CA CYS A 71 13.67 1.48 -3.20
C CYS A 71 15.18 1.24 -3.25
N PRO A 72 15.65 0.35 -4.15
CA PRO A 72 17.08 0.10 -4.36
C PRO A 72 17.89 1.40 -4.38
N LEU A 73 17.48 2.36 -5.20
CA LEU A 73 18.12 3.68 -5.21
C LEU A 73 17.64 4.47 -4.01
N LYS A 74 18.41 5.48 -3.64
CA LYS A 74 18.21 6.17 -2.38
C LYS A 74 17.39 7.43 -2.53
N ARG A 75 17.37 7.98 -3.73
CA ARG A 75 16.59 9.19 -4.00
C ARG A 75 15.26 8.84 -4.63
N TRP A 76 14.97 7.55 -4.71
CA TRP A 76 13.75 7.07 -5.32
C TRP A 76 12.70 6.78 -4.27
N THR A 77 11.46 6.99 -4.65
CA THR A 77 10.34 6.72 -3.78
C THR A 77 9.56 5.50 -4.27
N CYS A 78 9.22 4.61 -3.35
CA CYS A 78 8.34 3.49 -3.68
C CYS A 78 6.97 4.04 -4.01
N CYS A 79 6.47 3.73 -5.19
CA CYS A 79 5.22 4.31 -5.66
C CYS A 79 4.14 3.25 -5.81
N LYS A 80 2.93 3.61 -5.44
CA LYS A 80 1.84 2.66 -5.41
C LYS A 80 1.25 2.48 -6.80
N GLU A 81 1.70 1.43 -7.48
CA GLU A 81 1.10 0.95 -8.72
C GLU A 81 0.88 2.06 -9.74
N ILE A 82 1.88 2.26 -10.59
CA ILE A 82 1.85 3.33 -11.58
C ILE A 82 0.78 3.04 -12.64
N LEU A 1 -17.94 -11.52 4.28
CA LEU A 1 -17.11 -10.39 3.82
C LEU A 1 -16.70 -10.59 2.37
N PRO A 2 -16.16 -9.53 1.74
CA PRO A 2 -15.63 -9.63 0.38
C PRO A 2 -14.51 -10.67 0.27
N ARG A 3 -14.20 -11.04 -0.96
CA ARG A 3 -13.30 -12.17 -1.24
C ARG A 3 -11.99 -12.12 -0.45
N ASP A 4 -11.36 -10.96 -0.42
CA ASP A 4 -10.00 -10.84 0.12
C ASP A 4 -9.96 -10.03 1.41
N THR A 5 -11.11 -9.73 1.99
CA THR A 5 -11.15 -8.92 3.21
C THR A 5 -10.60 -9.68 4.41
N SER A 6 -11.14 -10.86 4.65
CA SER A 6 -10.71 -11.70 5.76
C SER A 6 -9.26 -12.13 5.54
N ARG A 7 -8.86 -12.14 4.29
CA ARG A 7 -7.49 -12.40 3.91
C ARG A 7 -6.60 -11.20 4.25
N CYS A 8 -6.98 -10.05 3.72
CA CYS A 8 -6.15 -8.86 3.78
C CYS A 8 -5.98 -8.37 5.21
N VAL A 9 -7.06 -8.43 5.98
CA VAL A 9 -7.08 -7.88 7.33
C VAL A 9 -5.91 -8.38 8.19
N GLY A 10 -5.48 -9.61 7.94
CA GLY A 10 -4.37 -10.15 8.70
C GLY A 10 -3.03 -9.83 8.04
N TYR A 11 -3.04 -9.70 6.72
CA TYR A 11 -1.82 -9.52 5.96
C TYR A 11 -1.46 -8.05 5.77
N HIS A 12 -2.34 -7.35 5.08
CA HIS A 12 -2.05 -5.99 4.62
C HIS A 12 -2.98 -4.99 5.30
N GLY A 13 -3.68 -5.45 6.32
CA GLY A 13 -4.55 -4.58 7.10
C GLY A 13 -6.01 -4.71 6.75
N TYR A 14 -6.85 -4.04 7.54
CA TYR A 14 -8.30 -4.19 7.41
C TYR A 14 -8.83 -3.41 6.21
N CYS A 15 -10.12 -3.57 5.93
CA CYS A 15 -10.67 -3.09 4.68
C CYS A 15 -11.78 -2.08 4.91
N ILE A 16 -11.40 -0.83 4.99
CA ILE A 16 -12.37 0.26 5.03
C ILE A 16 -12.62 0.76 3.62
N ARG A 17 -13.65 1.56 3.43
CA ARG A 17 -14.12 1.87 2.08
C ARG A 17 -13.39 3.09 1.51
N SER A 18 -12.51 3.68 2.30
CA SER A 18 -11.79 4.86 1.86
C SER A 18 -10.42 4.94 2.52
N LYS A 19 -9.57 5.84 2.02
CA LYS A 19 -8.18 5.95 2.43
C LYS A 19 -8.05 6.71 3.74
N VAL A 20 -9.14 6.71 4.47
CA VAL A 20 -9.25 7.40 5.76
C VAL A 20 -8.44 6.69 6.85
N CYS A 21 -7.32 6.08 6.48
CA CYS A 21 -6.49 5.34 7.41
C CYS A 21 -5.95 6.25 8.51
N PRO A 22 -6.13 5.83 9.77
CA PRO A 22 -5.57 6.53 10.93
C PRO A 22 -4.06 6.29 11.03
N LYS A 23 -3.44 6.79 12.09
CA LYS A 23 -2.01 6.57 12.27
C LYS A 23 -1.73 5.69 13.49
N PRO A 24 -0.73 4.80 13.40
CA PRO A 24 0.00 4.55 12.15
C PRO A 24 -0.69 3.51 11.26
N PHE A 25 -1.32 3.97 10.20
CA PHE A 25 -1.94 3.07 9.24
C PHE A 25 -1.82 3.65 7.85
N ALA A 26 -1.57 2.79 6.88
CA ALA A 26 -1.39 3.24 5.52
C ALA A 26 -2.45 2.65 4.61
N ALA A 27 -2.98 3.48 3.72
CA ALA A 27 -3.85 3.04 2.66
C ALA A 27 -3.08 2.18 1.68
N PHE A 28 -3.04 0.88 1.95
CA PHE A 28 -2.28 -0.04 1.15
C PHE A 28 -3.14 -0.63 0.05
N GLY A 29 -3.15 0.07 -1.08
CA GLY A 29 -3.89 -0.39 -2.24
C GLY A 29 -5.35 -0.64 -1.94
N THR A 30 -5.84 -1.77 -2.41
CA THR A 30 -7.20 -2.19 -2.12
C THR A 30 -7.19 -3.66 -1.73
N CYS A 31 -8.12 -4.11 -0.90
CA CYS A 31 -8.11 -5.49 -0.45
C CYS A 31 -8.59 -6.43 -1.54
N SER A 32 -9.89 -6.40 -1.78
CA SER A 32 -10.49 -7.27 -2.78
C SER A 32 -11.00 -6.41 -3.93
N TRP A 33 -12.01 -5.60 -3.63
CA TRP A 33 -12.52 -4.65 -4.58
C TRP A 33 -11.77 -3.35 -4.43
N ARG A 34 -11.73 -2.56 -5.49
CA ARG A 34 -11.07 -1.26 -5.45
C ARG A 34 -11.83 -0.32 -4.51
N GLN A 35 -13.10 -0.63 -4.32
CA GLN A 35 -13.95 0.04 -3.34
C GLN A 35 -13.23 0.26 -2.00
N LYS A 36 -12.66 -0.82 -1.47
CA LYS A 36 -12.14 -0.78 -0.11
C LYS A 36 -10.61 -0.82 -0.07
N THR A 37 -10.06 0.04 0.76
CA THR A 37 -8.63 0.17 0.94
C THR A 37 -8.14 -0.83 1.98
N CYS A 38 -6.90 -1.29 1.83
CA CYS A 38 -6.32 -2.22 2.78
C CYS A 38 -5.42 -1.44 3.75
N CYS A 39 -5.92 -1.19 4.95
CA CYS A 39 -5.22 -0.34 5.90
C CYS A 39 -4.62 -1.14 7.04
N VAL A 40 -3.30 -1.28 7.02
CA VAL A 40 -2.60 -2.02 8.06
C VAL A 40 -1.89 -1.08 9.02
N ASP A 41 -1.72 -1.52 10.26
CA ASP A 41 -0.92 -0.79 11.23
C ASP A 41 0.51 -0.73 10.73
N THR A 42 0.88 0.41 10.18
CA THR A 42 2.14 0.52 9.51
C THR A 42 3.23 1.03 10.43
N THR A 43 3.84 0.11 11.16
CA THR A 43 4.96 0.44 12.03
C THR A 43 6.26 -0.21 11.58
N SER A 44 6.36 -1.51 11.76
CA SER A 44 7.59 -2.26 11.43
C SER A 44 7.54 -2.92 10.05
N ASP A 45 6.54 -3.78 9.85
CA ASP A 45 6.44 -4.61 8.64
C ASP A 45 5.79 -3.85 7.50
N PHE A 46 5.34 -2.64 7.82
CA PHE A 46 4.67 -1.71 6.89
C PHE A 46 5.36 -1.55 5.54
N HIS A 47 6.59 -2.02 5.46
CA HIS A 47 7.34 -2.04 4.20
C HIS A 47 6.64 -2.86 3.12
N THR A 48 5.49 -3.43 3.48
CA THR A 48 4.63 -4.28 2.63
C THR A 48 4.31 -3.70 1.23
N CYS A 49 4.85 -2.54 0.91
CA CYS A 49 4.53 -1.89 -0.36
C CYS A 49 4.66 -2.83 -1.57
N GLN A 50 5.80 -3.51 -1.72
CA GLN A 50 6.00 -4.38 -2.87
C GLN A 50 5.09 -5.60 -2.83
N ASP A 51 4.52 -5.87 -1.67
CA ASP A 51 3.55 -6.96 -1.52
C ASP A 51 2.21 -6.56 -2.12
N LYS A 52 1.87 -5.28 -1.97
CA LYS A 52 0.63 -4.75 -2.52
C LYS A 52 0.75 -4.49 -4.01
N GLY A 53 1.98 -4.38 -4.48
CA GLY A 53 2.21 -4.01 -5.85
C GLY A 53 3.02 -2.74 -5.93
N GLY A 54 4.02 -2.65 -5.06
CA GLY A 54 4.87 -1.48 -5.01
C GLY A 54 5.89 -1.49 -6.12
N HIS A 55 5.79 -0.52 -6.99
CA HIS A 55 6.70 -0.40 -8.11
C HIS A 55 7.74 0.65 -7.80
N CYS A 56 8.80 0.69 -8.58
CA CYS A 56 9.86 1.65 -8.38
C CYS A 56 9.99 2.52 -9.61
N VAL A 57 9.72 3.80 -9.44
CA VAL A 57 9.73 4.73 -10.55
C VAL A 57 10.73 5.85 -10.32
N SER A 58 11.42 6.20 -11.39
CA SER A 58 12.42 7.25 -11.34
C SER A 58 11.75 8.61 -11.28
N PRO A 59 12.49 9.66 -10.85
CA PRO A 59 11.93 11.01 -10.69
C PRO A 59 11.38 11.62 -11.98
N LYS A 60 11.49 10.91 -13.10
CA LYS A 60 10.97 11.40 -14.37
C LYS A 60 9.69 10.68 -14.75
N ILE A 61 9.26 9.76 -13.91
CA ILE A 61 8.01 9.03 -14.13
C ILE A 61 6.86 9.80 -13.49
N ARG A 62 5.66 9.60 -14.02
CA ARG A 62 4.48 10.22 -13.45
C ARG A 62 3.50 9.15 -12.98
N CYS A 63 3.70 8.73 -11.76
CA CYS A 63 2.89 7.68 -11.14
C CYS A 63 2.47 8.11 -9.76
N LEU A 64 1.39 7.52 -9.25
CA LEU A 64 0.99 7.76 -7.89
C LEU A 64 2.02 7.15 -6.94
N GLU A 65 3.05 7.92 -6.67
CA GLU A 65 4.18 7.44 -5.89
C GLU A 65 3.97 7.69 -4.40
N GLU A 66 4.86 7.12 -3.58
CA GLU A 66 4.86 7.25 -2.13
C GLU A 66 3.88 6.28 -1.49
N GLN A 67 4.13 5.02 -1.76
CA GLN A 67 3.37 3.94 -1.16
C GLN A 67 3.89 3.65 0.25
N LEU A 68 5.13 3.18 0.33
CA LEU A 68 5.80 2.90 1.60
C LEU A 68 7.23 2.45 1.34
N GLY A 69 8.17 3.04 2.07
CA GLY A 69 9.54 2.56 1.99
C GLY A 69 10.33 3.18 0.87
N LEU A 70 11.64 3.14 0.98
CA LEU A 70 12.51 3.69 -0.04
C LEU A 70 12.98 2.60 -0.98
N CYS A 71 12.81 2.84 -2.28
CA CYS A 71 13.22 1.91 -3.31
C CYS A 71 14.74 1.74 -3.35
N PRO A 72 15.22 0.65 -4.00
CA PRO A 72 16.65 0.42 -4.22
C PRO A 72 17.41 1.70 -4.57
N LEU A 73 16.96 2.41 -5.61
CA LEU A 73 17.53 3.72 -5.92
C LEU A 73 16.99 4.74 -4.95
N LYS A 74 17.79 5.74 -4.70
CA LYS A 74 17.47 6.75 -3.70
C LYS A 74 16.77 7.94 -4.33
N ARG A 75 16.82 8.04 -5.65
CA ARG A 75 16.12 9.10 -6.35
C ARG A 75 14.71 8.64 -6.73
N TRP A 76 14.43 7.38 -6.43
CA TRP A 76 13.19 6.77 -6.83
C TRP A 76 12.23 6.66 -5.66
N THR A 77 10.96 6.53 -5.97
CA THR A 77 9.94 6.41 -4.95
C THR A 77 9.16 5.09 -5.13
N CYS A 78 8.81 4.46 -4.02
CA CYS A 78 7.98 3.26 -4.07
C CYS A 78 6.56 3.68 -4.40
N CYS A 79 6.09 3.27 -5.56
CA CYS A 79 4.82 3.75 -6.08
C CYS A 79 3.74 2.68 -6.00
N LYS A 80 2.53 3.12 -5.67
CA LYS A 80 1.42 2.21 -5.46
C LYS A 80 0.73 1.89 -6.78
N GLU A 81 1.10 0.74 -7.37
CA GLU A 81 0.43 0.20 -8.56
C GLU A 81 0.38 1.22 -9.71
N ILE A 82 1.39 1.18 -10.55
CA ILE A 82 1.51 2.12 -11.68
C ILE A 82 0.28 2.02 -12.58
N LEU A 1 -17.25 -11.82 5.46
CA LEU A 1 -16.45 -10.76 4.80
C LEU A 1 -16.44 -10.96 3.30
N PRO A 2 -16.02 -9.93 2.54
CA PRO A 2 -15.87 -10.02 1.09
C PRO A 2 -14.87 -11.09 0.66
N ARG A 3 -14.77 -11.30 -0.64
CA ARG A 3 -13.99 -12.41 -1.18
C ARG A 3 -12.55 -12.43 -0.67
N ASP A 4 -11.86 -11.31 -0.77
CA ASP A 4 -10.42 -11.28 -0.47
C ASP A 4 -10.09 -10.49 0.78
N THR A 5 -11.10 -10.21 1.60
CA THR A 5 -10.85 -9.45 2.81
C THR A 5 -10.20 -10.30 3.90
N SER A 6 -10.65 -11.54 4.02
CA SER A 6 -10.10 -12.46 5.03
C SER A 6 -8.64 -12.78 4.71
N ARG A 7 -8.27 -12.66 3.45
CA ARG A 7 -6.89 -12.83 3.03
C ARG A 7 -6.09 -11.58 3.33
N CYS A 8 -6.67 -10.45 2.98
CA CYS A 8 -5.99 -9.17 3.04
C CYS A 8 -5.75 -8.72 4.47
N VAL A 9 -6.71 -9.02 5.34
CA VAL A 9 -6.68 -8.53 6.73
C VAL A 9 -5.36 -8.86 7.43
N GLY A 10 -4.83 -10.05 7.18
CA GLY A 10 -3.56 -10.42 7.80
C GLY A 10 -2.38 -9.84 7.08
N TYR A 11 -2.59 -9.44 5.82
CA TYR A 11 -1.50 -8.95 4.99
C TYR A 11 -1.37 -7.44 5.05
N HIS A 12 -2.41 -6.75 4.58
CA HIS A 12 -2.33 -5.31 4.37
C HIS A 12 -3.31 -4.57 5.28
N GLY A 13 -3.81 -5.27 6.30
CA GLY A 13 -4.69 -4.63 7.27
C GLY A 13 -6.16 -4.91 7.01
N TYR A 14 -7.03 -4.22 7.73
CA TYR A 14 -8.48 -4.45 7.63
C TYR A 14 -9.05 -3.65 6.48
N CYS A 15 -10.35 -3.68 6.30
CA CYS A 15 -10.96 -3.01 5.15
C CYS A 15 -12.10 -2.11 5.54
N ILE A 16 -11.82 -0.83 5.59
CA ILE A 16 -12.84 0.18 5.79
C ILE A 16 -13.30 0.68 4.44
N ARG A 17 -14.45 1.31 4.39
CA ARG A 17 -15.11 1.63 3.14
C ARG A 17 -14.58 2.92 2.52
N SER A 18 -13.77 3.67 3.26
CA SER A 18 -13.25 4.92 2.76
C SER A 18 -11.76 5.02 3.04
N LYS A 19 -11.09 5.98 2.42
CA LYS A 19 -9.63 6.11 2.51
C LYS A 19 -9.25 6.92 3.75
N VAL A 20 -10.17 6.94 4.70
CA VAL A 20 -10.02 7.74 5.92
C VAL A 20 -9.21 7.01 6.99
N CYS A 21 -8.24 6.22 6.56
CA CYS A 21 -7.43 5.42 7.47
C CYS A 21 -6.88 6.24 8.64
N PRO A 22 -7.07 5.73 9.87
CA PRO A 22 -6.58 6.37 11.11
C PRO A 22 -5.05 6.30 11.22
N LYS A 23 -4.51 6.71 12.35
CA LYS A 23 -3.07 6.71 12.54
C LYS A 23 -2.66 5.78 13.69
N PRO A 24 -1.54 5.04 13.53
CA PRO A 24 -0.82 4.95 12.26
C PRO A 24 -1.39 3.89 11.33
N PHE A 25 -2.11 4.32 10.30
CA PHE A 25 -2.69 3.41 9.33
C PHE A 25 -2.64 4.02 7.95
N ALA A 26 -2.28 3.22 6.96
CA ALA A 26 -2.22 3.71 5.60
C ALA A 26 -3.20 2.97 4.72
N ALA A 27 -3.85 3.71 3.84
CA ALA A 27 -4.71 3.14 2.81
C ALA A 27 -3.89 2.28 1.87
N PHE A 28 -3.83 0.99 2.16
CA PHE A 28 -3.03 0.08 1.37
C PHE A 28 -3.88 -0.55 0.28
N GLY A 29 -3.94 0.12 -0.86
CA GLY A 29 -4.64 -0.40 -2.02
C GLY A 29 -6.05 -0.79 -1.70
N THR A 30 -6.40 -2.00 -2.08
CA THR A 30 -7.72 -2.54 -1.83
C THR A 30 -7.60 -4.00 -1.41
N CYS A 31 -8.54 -4.48 -0.63
CA CYS A 31 -8.52 -5.87 -0.21
C CYS A 31 -9.28 -6.74 -1.21
N SER A 32 -10.59 -6.59 -1.23
CA SER A 32 -11.45 -7.36 -2.11
C SER A 32 -12.03 -6.43 -3.18
N TRP A 33 -12.91 -5.54 -2.75
CA TRP A 33 -13.48 -4.57 -3.64
C TRP A 33 -12.58 -3.33 -3.65
N ARG A 34 -12.82 -2.44 -4.60
CA ARG A 34 -11.98 -1.26 -4.75
C ARG A 34 -12.46 -0.15 -3.83
N GLN A 35 -13.76 -0.14 -3.58
CA GLN A 35 -14.36 0.83 -2.66
C GLN A 35 -13.67 0.79 -1.29
N LYS A 36 -13.61 -0.39 -0.71
CA LYS A 36 -12.99 -0.56 0.60
C LYS A 36 -11.49 -0.64 0.50
N THR A 37 -10.83 -0.14 1.52
CA THR A 37 -9.39 0.02 1.52
C THR A 37 -8.75 -0.89 2.55
N CYS A 38 -7.60 -1.45 2.23
CA CYS A 38 -6.90 -2.31 3.16
C CYS A 38 -6.00 -1.45 4.05
N CYS A 39 -6.44 -1.21 5.27
CA CYS A 39 -5.72 -0.31 6.16
C CYS A 39 -5.02 -1.08 7.27
N VAL A 40 -3.70 -1.07 7.21
CA VAL A 40 -2.89 -1.77 8.20
C VAL A 40 -2.20 -0.76 9.11
N ASP A 41 -1.89 -1.16 10.34
CA ASP A 41 -1.18 -0.32 11.26
C ASP A 41 0.25 -0.13 10.79
N THR A 42 0.44 0.91 9.99
CA THR A 42 1.68 1.11 9.29
C THR A 42 2.76 1.73 10.19
N THR A 43 3.44 0.87 10.93
CA THR A 43 4.61 1.28 11.68
C THR A 43 5.88 0.61 11.14
N SER A 44 6.04 -0.69 11.38
CA SER A 44 7.14 -1.46 10.81
C SER A 44 6.69 -2.23 9.56
N ASP A 45 5.56 -2.93 9.71
CA ASP A 45 5.04 -3.83 8.67
C ASP A 45 4.60 -3.07 7.43
N PHE A 46 4.51 -1.76 7.56
CA PHE A 46 4.03 -0.87 6.49
C PHE A 46 4.88 -0.98 5.23
N HIS A 47 6.03 -1.58 5.40
CA HIS A 47 6.95 -1.89 4.32
C HIS A 47 6.29 -2.76 3.22
N THR A 48 5.04 -3.16 3.47
CA THR A 48 4.23 -4.02 2.59
C THR A 48 4.19 -3.59 1.10
N CYS A 49 4.73 -2.42 0.76
CA CYS A 49 4.67 -1.88 -0.61
C CYS A 49 4.86 -2.95 -1.70
N GLN A 50 5.93 -3.74 -1.62
CA GLN A 50 6.24 -4.71 -2.68
C GLN A 50 5.14 -5.75 -2.83
N ASP A 51 4.41 -6.03 -1.75
CA ASP A 51 3.34 -7.02 -1.78
C ASP A 51 2.08 -6.43 -2.39
N LYS A 52 1.85 -5.14 -2.13
CA LYS A 52 0.67 -4.45 -2.61
C LYS A 52 0.81 -4.14 -4.10
N GLY A 53 2.04 -4.09 -4.57
CA GLY A 53 2.31 -3.76 -5.95
C GLY A 53 3.13 -2.50 -6.08
N GLY A 54 3.94 -2.23 -5.07
CA GLY A 54 4.81 -1.09 -5.10
C GLY A 54 5.89 -1.23 -6.15
N HIS A 55 6.05 -0.19 -6.95
CA HIS A 55 7.00 -0.22 -8.06
C HIS A 55 8.27 0.53 -7.71
N CYS A 56 9.23 0.50 -8.61
CA CYS A 56 10.51 1.17 -8.41
C CYS A 56 10.84 2.02 -9.64
N VAL A 57 10.99 3.31 -9.42
CA VAL A 57 11.23 4.22 -10.52
C VAL A 57 12.44 5.12 -10.23
N SER A 58 13.21 5.38 -11.28
CA SER A 58 14.40 6.17 -11.18
C SER A 58 14.05 7.66 -11.13
N PRO A 59 14.97 8.53 -10.67
CA PRO A 59 14.75 9.97 -10.64
C PRO A 59 14.10 10.53 -11.90
N LYS A 60 14.53 10.03 -13.05
CA LYS A 60 14.03 10.52 -14.34
C LYS A 60 12.56 10.16 -14.56
N ILE A 61 12.06 9.18 -13.82
CA ILE A 61 10.70 8.71 -14.02
C ILE A 61 9.72 9.62 -13.33
N ARG A 62 8.69 10.00 -14.05
CA ARG A 62 7.65 10.86 -13.49
C ARG A 62 6.42 10.03 -13.17
N CYS A 63 6.44 9.48 -11.98
CA CYS A 63 5.39 8.64 -11.45
C CYS A 63 5.04 9.09 -10.06
N LEU A 64 3.84 8.77 -9.60
CA LEU A 64 3.44 9.11 -8.25
C LEU A 64 4.23 8.26 -7.26
N GLU A 65 5.42 8.73 -6.94
CA GLU A 65 6.36 7.96 -6.15
C GLU A 65 6.15 8.19 -4.65
N GLU A 66 6.85 7.38 -3.86
CA GLU A 66 6.83 7.43 -2.40
C GLU A 66 5.63 6.69 -1.84
N GLN A 67 5.59 5.42 -2.14
CA GLN A 67 4.61 4.53 -1.56
C GLN A 67 5.06 4.14 -0.15
N LEU A 68 5.92 3.13 -0.06
CA LEU A 68 6.46 2.68 1.22
C LEU A 68 7.90 2.25 1.09
N GLY A 69 8.83 3.19 1.17
CA GLY A 69 10.22 2.82 1.31
C GLY A 69 11.11 3.27 0.18
N LEU A 70 12.40 2.97 0.32
CA LEU A 70 13.41 3.28 -0.66
C LEU A 70 13.77 2.00 -1.42
N CYS A 71 13.85 2.11 -2.73
CA CYS A 71 14.07 0.95 -3.60
C CYS A 71 15.54 0.52 -3.62
N PRO A 72 15.82 -0.73 -4.08
CA PRO A 72 17.18 -1.27 -4.22
C PRO A 72 18.20 -0.21 -4.67
N LEU A 73 17.94 0.45 -5.80
CA LEU A 73 18.79 1.56 -6.19
C LEU A 73 18.55 2.73 -5.28
N LYS A 74 19.63 3.38 -4.91
CA LYS A 74 19.62 4.39 -3.86
C LYS A 74 18.86 5.65 -4.28
N ARG A 75 18.84 5.90 -5.58
CA ARG A 75 18.21 7.11 -6.11
C ARG A 75 16.74 6.87 -6.44
N TRP A 76 16.31 5.63 -6.29
CA TRP A 76 14.98 5.26 -6.71
C TRP A 76 14.03 5.24 -5.52
N THR A 77 12.80 5.67 -5.77
CA THR A 77 11.78 5.64 -4.74
C THR A 77 10.74 4.59 -5.06
N CYS A 78 10.22 3.93 -4.03
CA CYS A 78 9.12 3.00 -4.20
C CYS A 78 7.89 3.79 -4.61
N CYS A 79 7.38 3.49 -5.79
CA CYS A 79 6.29 4.26 -6.35
C CYS A 79 4.98 3.52 -6.28
N LYS A 80 3.91 4.25 -5.97
CA LYS A 80 2.62 3.63 -5.77
C LYS A 80 1.83 3.58 -7.06
N GLU A 81 1.87 2.41 -7.70
CA GLU A 81 1.00 2.12 -8.83
C GLU A 81 1.29 3.03 -10.02
N ILE A 82 2.18 2.58 -10.89
CA ILE A 82 2.53 3.33 -12.09
C ILE A 82 1.37 3.26 -13.09
N LEU A 1 -17.10 -12.21 4.03
CA LEU A 1 -16.28 -11.04 3.59
C LEU A 1 -16.00 -11.13 2.10
N PRO A 2 -15.59 -10.00 1.49
CA PRO A 2 -15.19 -9.96 0.08
C PRO A 2 -14.03 -10.90 -0.23
N ARG A 3 -13.83 -11.15 -1.52
CA ARG A 3 -12.90 -12.17 -2.00
C ARG A 3 -11.54 -12.11 -1.31
N ASP A 4 -10.95 -10.93 -1.21
CA ASP A 4 -9.59 -10.81 -0.72
C ASP A 4 -9.50 -10.11 0.63
N THR A 5 -10.62 -9.87 1.27
CA THR A 5 -10.61 -9.18 2.56
C THR A 5 -10.01 -10.04 3.66
N SER A 6 -10.41 -11.31 3.72
CA SER A 6 -9.92 -12.23 4.74
C SER A 6 -8.43 -12.49 4.54
N ARG A 7 -7.97 -12.37 3.30
CA ARG A 7 -6.56 -12.46 2.99
C ARG A 7 -5.84 -11.19 3.41
N CYS A 8 -6.41 -10.07 3.03
CA CYS A 8 -5.77 -8.77 3.19
C CYS A 8 -5.63 -8.40 4.66
N VAL A 9 -6.67 -8.69 5.44
CA VAL A 9 -6.74 -8.25 6.84
C VAL A 9 -5.49 -8.66 7.64
N GLY A 10 -4.94 -9.82 7.34
CA GLY A 10 -3.75 -10.27 8.04
C GLY A 10 -2.48 -9.73 7.41
N TYR A 11 -2.55 -9.39 6.13
CA TYR A 11 -1.38 -8.96 5.38
C TYR A 11 -1.23 -7.45 5.39
N HIS A 12 -2.21 -6.76 4.81
CA HIS A 12 -2.09 -5.34 4.55
C HIS A 12 -3.11 -4.56 5.36
N GLY A 13 -3.69 -5.23 6.36
CA GLY A 13 -4.58 -4.56 7.28
C GLY A 13 -6.05 -4.79 6.97
N TYR A 14 -6.92 -4.21 7.78
CA TYR A 14 -8.35 -4.42 7.64
C TYR A 14 -8.91 -3.49 6.59
N CYS A 15 -10.04 -3.85 6.01
CA CYS A 15 -10.50 -3.20 4.80
C CYS A 15 -11.76 -2.38 5.04
N ILE A 16 -11.56 -1.08 5.22
CA ILE A 16 -12.64 -0.15 5.49
C ILE A 16 -13.11 0.49 4.21
N ARG A 17 -14.02 1.44 4.31
CA ARG A 17 -14.57 2.09 3.14
C ARG A 17 -13.54 2.96 2.41
N SER A 18 -12.83 3.81 3.13
CA SER A 18 -12.04 4.85 2.51
C SER A 18 -10.71 5.07 3.21
N LYS A 19 -10.01 6.11 2.80
CA LYS A 19 -8.64 6.38 3.26
C LYS A 19 -8.67 7.08 4.60
N VAL A 20 -9.78 6.92 5.31
CA VAL A 20 -9.99 7.51 6.62
C VAL A 20 -9.29 6.68 7.71
N CYS A 21 -8.17 6.09 7.35
CA CYS A 21 -7.41 5.24 8.24
C CYS A 21 -6.89 6.04 9.44
N PRO A 22 -7.00 5.46 10.65
CA PRO A 22 -6.45 6.05 11.87
C PRO A 22 -4.92 6.00 11.87
N LYS A 23 -4.29 6.39 12.96
CA LYS A 23 -2.85 6.37 13.05
C LYS A 23 -2.40 5.46 14.20
N PRO A 24 -1.30 4.71 14.00
CA PRO A 24 -0.60 4.64 12.72
C PRO A 24 -1.19 3.60 11.77
N PHE A 25 -1.93 4.05 10.77
CA PHE A 25 -2.50 3.16 9.77
C PHE A 25 -2.45 3.83 8.42
N ALA A 26 -2.15 3.07 7.40
CA ALA A 26 -2.04 3.64 6.06
C ALA A 26 -3.02 3.00 5.10
N ALA A 27 -3.67 3.84 4.30
CA ALA A 27 -4.50 3.39 3.20
C ALA A 27 -3.67 2.63 2.18
N PHE A 28 -3.64 1.31 2.32
CA PHE A 28 -2.83 0.48 1.46
C PHE A 28 -3.67 -0.06 0.32
N GLY A 29 -3.72 0.71 -0.76
CA GLY A 29 -4.43 0.30 -1.97
C GLY A 29 -5.85 -0.13 -1.68
N THR A 30 -6.23 -1.24 -2.28
CA THR A 30 -7.53 -1.83 -2.04
C THR A 30 -7.34 -3.31 -1.68
N CYS A 31 -8.32 -3.92 -1.04
CA CYS A 31 -8.20 -5.32 -0.68
C CYS A 31 -8.78 -6.22 -1.78
N SER A 32 -10.09 -6.21 -1.91
CA SER A 32 -10.78 -6.97 -2.92
C SER A 32 -11.41 -6.01 -3.91
N TRP A 33 -12.37 -5.24 -3.43
CA TRP A 33 -13.03 -4.24 -4.25
C TRP A 33 -12.27 -2.92 -4.09
N ARG A 34 -12.46 -2.02 -5.04
CA ARG A 34 -11.78 -0.73 -5.03
C ARG A 34 -12.46 0.23 -4.06
N GLN A 35 -13.77 0.08 -3.95
CA GLN A 35 -14.60 0.92 -3.09
C GLN A 35 -14.16 0.88 -1.63
N LYS A 36 -13.27 -0.03 -1.29
CA LYS A 36 -12.76 -0.14 0.07
C LYS A 36 -11.24 -0.14 0.09
N THR A 37 -10.68 0.26 1.23
CA THR A 37 -9.25 0.46 1.37
C THR A 37 -8.68 -0.52 2.39
N CYS A 38 -7.47 -1.00 2.14
CA CYS A 38 -6.81 -1.95 3.03
C CYS A 38 -5.90 -1.19 3.99
N CYS A 39 -6.27 -1.11 5.26
CA CYS A 39 -5.56 -0.27 6.22
C CYS A 39 -4.87 -1.10 7.28
N VAL A 40 -3.54 -1.09 7.26
CA VAL A 40 -2.76 -1.82 8.26
C VAL A 40 -2.07 -0.84 9.19
N ASP A 41 -1.78 -1.30 10.41
CA ASP A 41 -1.02 -0.52 11.36
C ASP A 41 0.40 -0.41 10.85
N THR A 42 0.68 0.71 10.23
CA THR A 42 1.93 0.94 9.56
C THR A 42 2.93 1.59 10.51
N THR A 43 3.66 0.76 11.26
CA THR A 43 4.68 1.26 12.15
C THR A 43 6.07 0.85 11.67
N SER A 44 6.42 -0.43 11.82
CA SER A 44 7.73 -0.94 11.40
C SER A 44 7.69 -1.65 10.03
N ASP A 45 6.82 -2.65 9.92
CA ASP A 45 6.78 -3.54 8.75
C ASP A 45 6.00 -2.92 7.59
N PHE A 46 5.43 -1.75 7.86
CA PHE A 46 4.62 -0.98 6.91
C PHE A 46 5.19 -0.89 5.49
N HIS A 47 6.46 -1.19 5.34
CA HIS A 47 7.14 -1.25 4.04
C HIS A 47 6.44 -2.21 3.06
N THR A 48 5.39 -2.88 3.55
CA THR A 48 4.59 -3.86 2.82
C THR A 48 4.13 -3.41 1.41
N CYS A 49 4.38 -2.16 1.05
CA CYS A 49 3.97 -1.63 -0.25
C CYS A 49 4.37 -2.58 -1.38
N GLN A 50 5.56 -3.15 -1.27
CA GLN A 50 6.08 -4.06 -2.26
C GLN A 50 5.16 -5.27 -2.49
N ASP A 51 4.51 -5.72 -1.43
CA ASP A 51 3.58 -6.86 -1.52
C ASP A 51 2.24 -6.41 -2.05
N LYS A 52 1.90 -5.15 -1.78
CA LYS A 52 0.66 -4.56 -2.26
C LYS A 52 0.71 -4.30 -3.75
N GLY A 53 1.89 -4.42 -4.32
CA GLY A 53 2.09 -4.12 -5.71
C GLY A 53 2.90 -2.85 -5.86
N GLY A 54 3.92 -2.72 -5.03
CA GLY A 54 4.78 -1.55 -5.09
C GLY A 54 5.86 -1.73 -6.12
N HIS A 55 5.73 -0.97 -7.19
CA HIS A 55 6.65 -1.07 -8.32
C HIS A 55 7.78 -0.08 -8.15
N CYS A 56 8.93 -0.40 -8.69
CA CYS A 56 10.10 0.43 -8.54
C CYS A 56 10.33 1.23 -9.82
N VAL A 57 10.26 2.54 -9.69
CA VAL A 57 10.42 3.40 -10.84
C VAL A 57 11.53 4.41 -10.61
N SER A 58 12.29 4.65 -11.65
CA SER A 58 13.39 5.60 -11.61
C SER A 58 12.82 7.02 -11.58
N PRO A 59 13.63 8.01 -11.18
CA PRO A 59 13.20 9.42 -11.15
C PRO A 59 12.83 9.94 -12.54
N LYS A 60 13.18 9.19 -13.57
CA LYS A 60 12.86 9.54 -14.94
C LYS A 60 11.48 9.00 -15.32
N ILE A 61 10.95 8.11 -14.50
CA ILE A 61 9.62 7.57 -14.73
C ILE A 61 8.58 8.54 -14.19
N ARG A 62 7.51 8.73 -14.92
CA ARG A 62 6.43 9.54 -14.43
C ARG A 62 5.31 8.65 -13.91
N CYS A 63 5.42 8.32 -12.63
CA CYS A 63 4.47 7.45 -11.97
C CYS A 63 4.05 8.07 -10.65
N LEU A 64 2.87 7.71 -10.16
CA LEU A 64 2.46 8.17 -8.85
C LEU A 64 3.17 7.32 -7.82
N GLU A 65 4.35 7.76 -7.49
CA GLU A 65 5.23 7.06 -6.59
C GLU A 65 4.99 7.44 -5.14
N GLU A 66 5.64 6.71 -4.24
CA GLU A 66 5.54 6.90 -2.79
C GLU A 66 4.33 6.20 -2.23
N GLN A 67 4.32 4.90 -2.45
CA GLN A 67 3.34 4.02 -1.84
C GLN A 67 3.64 3.90 -0.36
N LEU A 68 4.79 3.30 -0.05
CA LEU A 68 5.26 3.23 1.33
C LEU A 68 6.61 2.52 1.42
N GLY A 69 7.67 3.26 1.15
CA GLY A 69 8.99 2.69 1.25
C GLY A 69 9.91 3.09 0.13
N LEU A 70 11.21 2.93 0.37
CA LEU A 70 12.22 3.22 -0.63
C LEU A 70 12.60 1.94 -1.36
N CYS A 71 12.83 2.04 -2.65
CA CYS A 71 13.15 0.89 -3.49
C CYS A 71 14.64 0.56 -3.46
N PRO A 72 15.01 -0.67 -3.86
CA PRO A 72 16.42 -1.11 -3.94
C PRO A 72 17.36 -0.01 -4.41
N LEU A 73 17.09 0.58 -5.58
CA LEU A 73 17.86 1.74 -6.01
C LEU A 73 17.50 2.93 -5.14
N LYS A 74 18.53 3.62 -4.69
CA LYS A 74 18.36 4.70 -3.71
C LYS A 74 17.69 5.91 -4.34
N ARG A 75 17.76 5.97 -5.66
CA ARG A 75 17.18 7.08 -6.40
C ARG A 75 15.74 6.77 -6.81
N TRP A 76 15.29 5.55 -6.52
CA TRP A 76 13.97 5.10 -6.96
C TRP A 76 12.99 5.09 -5.81
N THR A 77 11.72 5.21 -6.14
CA THR A 77 10.67 5.22 -5.14
C THR A 77 9.67 4.08 -5.37
N CYS A 78 9.17 3.51 -4.27
CA CYS A 78 8.16 2.47 -4.35
C CYS A 78 6.83 3.11 -4.78
N CYS A 79 6.36 2.75 -5.96
CA CYS A 79 5.17 3.36 -6.54
C CYS A 79 3.96 2.44 -6.45
N LYS A 80 2.83 3.03 -6.11
CA LYS A 80 1.61 2.26 -5.96
C LYS A 80 0.95 2.02 -7.31
N GLU A 81 1.22 0.83 -7.86
CA GLU A 81 0.59 0.37 -9.09
C GLU A 81 0.74 1.38 -10.23
N ILE A 82 1.78 1.18 -11.03
CA ILE A 82 2.08 2.06 -12.15
C ILE A 82 0.88 2.15 -13.09
N LEU A 1 -17.79 -12.10 4.51
CA LEU A 1 -17.04 -10.96 3.94
C LEU A 1 -16.72 -11.22 2.46
N PRO A 2 -16.30 -10.17 1.73
CA PRO A 2 -15.87 -10.29 0.33
C PRO A 2 -14.70 -11.26 0.17
N ARG A 3 -14.43 -11.61 -1.08
CA ARG A 3 -13.44 -12.64 -1.43
C ARG A 3 -12.12 -12.51 -0.67
N ASP A 4 -11.55 -11.32 -0.65
CA ASP A 4 -10.20 -11.12 -0.14
C ASP A 4 -10.16 -10.27 1.12
N THR A 5 -11.32 -9.99 1.71
CA THR A 5 -11.34 -9.11 2.88
C THR A 5 -10.77 -9.82 4.10
N SER A 6 -11.37 -10.96 4.46
CA SER A 6 -10.93 -11.72 5.63
C SER A 6 -9.46 -12.09 5.46
N ARG A 7 -9.08 -12.31 4.21
CA ARG A 7 -7.70 -12.55 3.82
C ARG A 7 -6.84 -11.34 4.14
N CYS A 8 -7.21 -10.19 3.59
CA CYS A 8 -6.38 -9.01 3.63
C CYS A 8 -6.18 -8.47 5.05
N VAL A 9 -7.23 -8.55 5.87
CA VAL A 9 -7.20 -7.99 7.23
C VAL A 9 -5.97 -8.49 7.99
N GLY A 10 -5.68 -9.77 7.86
CA GLY A 10 -4.54 -10.33 8.56
C GLY A 10 -3.22 -10.02 7.88
N TYR A 11 -3.28 -9.72 6.59
CA TYR A 11 -2.07 -9.48 5.81
C TYR A 11 -1.69 -8.01 5.76
N HIS A 12 -2.54 -7.20 5.13
CA HIS A 12 -2.19 -5.82 4.83
C HIS A 12 -3.14 -4.87 5.54
N GLY A 13 -3.80 -5.36 6.58
CA GLY A 13 -4.64 -4.50 7.39
C GLY A 13 -6.11 -4.63 7.08
N TYR A 14 -6.94 -3.90 7.81
CA TYR A 14 -8.39 -4.01 7.69
C TYR A 14 -8.89 -3.30 6.45
N CYS A 15 -10.17 -3.49 6.15
CA CYS A 15 -10.72 -3.04 4.88
C CYS A 15 -11.81 -2.01 5.05
N ILE A 16 -11.42 -0.74 5.04
CA ILE A 16 -12.37 0.36 5.09
C ILE A 16 -12.74 0.80 3.68
N ARG A 17 -13.58 1.81 3.55
CA ARG A 17 -14.05 2.21 2.23
C ARG A 17 -13.09 3.17 1.55
N SER A 18 -12.46 4.04 2.34
CA SER A 18 -11.70 5.13 1.79
C SER A 18 -10.26 5.14 2.32
N LYS A 19 -9.46 6.06 1.81
CA LYS A 19 -8.04 6.16 2.17
C LYS A 19 -7.88 6.95 3.46
N VAL A 20 -8.95 7.00 4.23
CA VAL A 20 -9.02 7.75 5.48
C VAL A 20 -8.31 7.01 6.61
N CYS A 21 -7.24 6.29 6.27
CA CYS A 21 -6.50 5.53 7.25
C CYS A 21 -5.92 6.43 8.34
N PRO A 22 -6.18 6.10 9.61
CA PRO A 22 -5.60 6.80 10.76
C PRO A 22 -4.14 6.43 10.92
N LYS A 23 -3.48 6.91 11.97
CA LYS A 23 -2.09 6.53 12.19
C LYS A 23 -1.94 5.64 13.43
N PRO A 24 -0.95 4.75 13.40
CA PRO A 24 -0.15 4.52 12.21
C PRO A 24 -0.82 3.50 11.28
N PHE A 25 -1.43 3.96 10.20
CA PHE A 25 -2.06 3.08 9.23
C PHE A 25 -1.91 3.64 7.84
N ALA A 26 -1.60 2.78 6.89
CA ALA A 26 -1.40 3.21 5.51
C ALA A 26 -2.39 2.53 4.58
N ALA A 27 -2.95 3.31 3.67
CA ALA A 27 -3.79 2.77 2.62
C ALA A 27 -2.97 1.87 1.70
N PHE A 28 -3.02 0.59 1.96
CA PHE A 28 -2.27 -0.38 1.19
C PHE A 28 -3.17 -1.06 0.17
N GLY A 29 -3.21 -0.47 -1.02
CA GLY A 29 -3.99 -1.04 -2.10
C GLY A 29 -5.42 -1.31 -1.70
N THR A 30 -5.93 -2.45 -2.15
CA THR A 30 -7.29 -2.85 -1.83
C THR A 30 -7.33 -4.34 -1.46
N CYS A 31 -8.24 -4.72 -0.58
CA CYS A 31 -8.37 -6.11 -0.18
C CYS A 31 -9.02 -6.95 -1.27
N SER A 32 -10.32 -6.78 -1.44
CA SER A 32 -11.08 -7.55 -2.39
C SER A 32 -11.56 -6.65 -3.52
N TRP A 33 -12.53 -5.80 -3.21
CA TRP A 33 -12.99 -4.81 -4.15
C TRP A 33 -12.19 -3.54 -3.95
N ARG A 34 -12.07 -2.72 -4.98
CA ARG A 34 -11.34 -1.47 -4.88
C ARG A 34 -12.04 -0.55 -3.87
N GLN A 35 -13.34 -0.74 -3.79
CA GLN A 35 -14.21 -0.01 -2.87
C GLN A 35 -13.74 -0.07 -1.42
N LYS A 36 -12.88 -1.03 -1.12
CA LYS A 36 -12.27 -1.11 0.21
C LYS A 36 -10.76 -1.10 0.15
N THR A 37 -10.18 -0.19 0.92
CA THR A 37 -8.74 -0.04 1.03
C THR A 37 -8.21 -0.95 2.13
N CYS A 38 -7.00 -1.48 1.95
CA CYS A 38 -6.40 -2.35 2.95
C CYS A 38 -5.49 -1.53 3.85
N CYS A 39 -5.96 -1.20 5.03
CA CYS A 39 -5.23 -0.30 5.91
C CYS A 39 -4.61 -1.06 7.08
N VAL A 40 -3.31 -1.29 7.00
CA VAL A 40 -2.60 -1.98 8.06
C VAL A 40 -1.92 -0.99 8.98
N ASP A 41 -1.72 -1.39 10.22
CA ASP A 41 -1.00 -0.62 11.19
C ASP A 41 0.47 -0.59 10.81
N THR A 42 0.82 0.40 10.01
CA THR A 42 2.14 0.48 9.44
C THR A 42 3.17 0.96 10.47
N THR A 43 3.64 0.01 11.28
CA THR A 43 4.74 0.27 12.18
C THR A 43 5.98 -0.54 11.80
N SER A 44 5.86 -1.87 11.81
CA SER A 44 6.94 -2.76 11.42
C SER A 44 6.81 -3.24 9.96
N ASP A 45 5.64 -3.79 9.65
CA ASP A 45 5.40 -4.55 8.41
C ASP A 45 5.14 -3.66 7.20
N PHE A 46 5.01 -2.37 7.46
CA PHE A 46 4.69 -1.36 6.44
C PHE A 46 5.54 -1.47 5.17
N HIS A 47 6.69 -2.11 5.26
CA HIS A 47 7.55 -2.34 4.10
C HIS A 47 6.88 -3.22 3.04
N THR A 48 5.66 -3.68 3.33
CA THR A 48 4.81 -4.47 2.42
C THR A 48 4.69 -3.87 0.99
N CYS A 49 5.16 -2.66 0.80
CA CYS A 49 4.96 -1.89 -0.43
C CYS A 49 5.02 -2.72 -1.73
N GLN A 50 6.06 -3.54 -1.92
CA GLN A 50 6.22 -4.28 -3.18
C GLN A 50 5.14 -5.35 -3.37
N ASP A 51 4.53 -5.80 -2.28
CA ASP A 51 3.44 -6.79 -2.35
C ASP A 51 2.23 -6.17 -3.05
N LYS A 52 1.98 -4.93 -2.70
CA LYS A 52 0.78 -4.23 -3.12
C LYS A 52 0.98 -3.51 -4.44
N GLY A 53 2.03 -3.90 -5.13
CA GLY A 53 2.33 -3.29 -6.40
C GLY A 53 3.20 -2.07 -6.24
N GLY A 54 4.06 -2.09 -5.24
CA GLY A 54 5.02 -1.02 -5.08
C GLY A 54 6.19 -1.17 -6.02
N HIS A 55 6.21 -0.32 -7.01
CA HIS A 55 7.26 -0.32 -8.02
C HIS A 55 8.25 0.79 -7.72
N CYS A 56 9.30 0.89 -8.51
CA CYS A 56 10.33 1.89 -8.29
C CYS A 56 10.42 2.81 -9.48
N VAL A 57 10.26 4.10 -9.24
CA VAL A 57 10.33 5.07 -10.31
C VAL A 57 11.34 6.17 -9.98
N SER A 58 12.14 6.51 -10.98
CA SER A 58 13.09 7.59 -10.89
C SER A 58 12.35 8.92 -10.73
N PRO A 59 12.99 9.92 -10.11
CA PRO A 59 12.39 11.24 -9.89
C PRO A 59 12.09 11.98 -11.20
N LYS A 60 12.45 11.37 -12.32
CA LYS A 60 12.11 11.91 -13.62
C LYS A 60 10.97 11.11 -14.26
N ILE A 61 10.48 10.12 -13.52
CA ILE A 61 9.33 9.33 -13.95
C ILE A 61 8.07 9.97 -13.42
N ARG A 62 7.13 10.23 -14.30
CA ARG A 62 5.89 10.87 -13.89
C ARG A 62 4.87 9.85 -13.45
N CYS A 63 4.95 9.52 -12.18
CA CYS A 63 4.06 8.57 -11.55
C CYS A 63 3.56 9.13 -10.25
N LEU A 64 2.36 8.78 -9.84
CA LEU A 64 1.92 9.07 -8.49
C LEU A 64 2.62 8.09 -7.57
N GLU A 65 3.82 8.46 -7.18
CA GLU A 65 4.71 7.54 -6.50
C GLU A 65 4.61 7.64 -4.98
N GLU A 66 3.70 6.87 -4.40
CA GLU A 66 3.59 6.77 -2.95
C GLU A 66 2.88 5.49 -2.51
N GLN A 67 3.62 4.40 -2.49
CA GLN A 67 3.15 3.18 -1.87
C GLN A 67 3.60 3.15 -0.41
N LEU A 68 4.91 2.97 -0.21
CA LEU A 68 5.49 2.97 1.13
C LEU A 68 7.02 2.88 1.04
N GLY A 69 7.70 3.95 1.43
CA GLY A 69 9.14 3.87 1.64
C GLY A 69 9.97 4.31 0.45
N LEU A 70 11.28 4.14 0.60
CA LEU A 70 12.25 4.57 -0.39
C LEU A 70 12.82 3.34 -1.09
N CYS A 71 13.12 3.49 -2.38
CA CYS A 71 13.55 2.37 -3.21
C CYS A 71 15.07 2.18 -3.18
N PRO A 72 15.57 0.99 -3.59
CA PRO A 72 17.01 0.70 -3.67
C PRO A 72 17.84 1.89 -4.17
N LEU A 73 17.40 2.52 -5.26
CA LEU A 73 18.04 3.74 -5.72
C LEU A 73 17.57 4.91 -4.90
N LYS A 74 18.52 5.69 -4.46
CA LYS A 74 18.32 6.70 -3.43
C LYS A 74 17.26 7.74 -3.81
N ARG A 75 17.11 7.99 -5.10
CA ARG A 75 16.21 9.03 -5.56
C ARG A 75 14.85 8.46 -5.96
N TRP A 76 14.71 7.15 -5.88
CA TRP A 76 13.53 6.48 -6.40
C TRP A 76 12.50 6.23 -5.31
N THR A 77 11.27 6.63 -5.57
CA THR A 77 10.19 6.44 -4.64
C THR A 77 9.44 5.14 -4.93
N CYS A 78 8.90 4.52 -3.89
CA CYS A 78 8.13 3.30 -4.05
C CYS A 78 6.70 3.67 -4.44
N CYS A 79 6.33 3.37 -5.67
CA CYS A 79 5.06 3.82 -6.22
C CYS A 79 4.04 2.70 -6.27
N LYS A 80 2.81 3.03 -5.95
CA LYS A 80 1.73 2.06 -5.95
C LYS A 80 1.03 2.06 -7.30
N GLU A 81 1.41 1.11 -8.16
CA GLU A 81 0.82 0.93 -9.49
C GLU A 81 0.99 2.16 -10.37
N ILE A 82 1.97 2.11 -11.24
CA ILE A 82 2.28 3.20 -12.14
C ILE A 82 1.12 3.43 -13.12
N LEU A 1 -18.32 -11.47 4.58
CA LEU A 1 -17.12 -10.62 4.46
C LEU A 1 -16.54 -10.78 3.06
N PRO A 2 -16.18 -9.66 2.40
CA PRO A 2 -15.72 -9.65 1.00
C PRO A 2 -14.55 -10.57 0.74
N ARG A 3 -14.51 -11.08 -0.49
CA ARG A 3 -13.57 -12.12 -0.94
C ARG A 3 -12.17 -12.01 -0.33
N ASP A 4 -11.58 -10.83 -0.40
CA ASP A 4 -10.17 -10.68 -0.05
C ASP A 4 -9.95 -10.01 1.30
N THR A 5 -11.03 -9.65 1.97
CA THR A 5 -10.93 -8.94 3.23
C THR A 5 -10.27 -9.80 4.31
N SER A 6 -10.80 -11.01 4.52
CA SER A 6 -10.30 -11.89 5.57
C SER A 6 -8.82 -12.21 5.35
N ARG A 7 -8.41 -12.25 4.08
CA ARG A 7 -7.03 -12.47 3.72
C ARG A 7 -6.19 -11.24 4.01
N CYS A 8 -6.69 -10.10 3.57
CA CYS A 8 -5.93 -8.87 3.64
C CYS A 8 -5.61 -8.48 5.07
N VAL A 9 -6.56 -8.74 5.98
CA VAL A 9 -6.46 -8.29 7.37
C VAL A 9 -5.10 -8.60 7.98
N GLY A 10 -4.66 -9.84 7.84
CA GLY A 10 -3.40 -10.23 8.42
C GLY A 10 -2.21 -9.78 7.60
N TYR A 11 -2.42 -9.58 6.31
CA TYR A 11 -1.32 -9.27 5.40
C TYR A 11 -1.12 -7.77 5.22
N HIS A 12 -2.15 -7.09 4.72
CA HIS A 12 -2.03 -5.71 4.31
C HIS A 12 -2.97 -4.82 5.13
N GLY A 13 -3.57 -5.41 6.16
CA GLY A 13 -4.47 -4.66 7.03
C GLY A 13 -5.93 -4.91 6.71
N TYR A 14 -6.80 -4.25 7.45
CA TYR A 14 -8.24 -4.49 7.31
C TYR A 14 -8.82 -3.69 6.15
N CYS A 15 -10.10 -3.87 5.90
CA CYS A 15 -10.71 -3.30 4.71
C CYS A 15 -11.86 -2.36 5.05
N ILE A 16 -11.54 -1.09 5.20
CA ILE A 16 -12.56 -0.07 5.42
C ILE A 16 -12.98 0.52 4.09
N ARG A 17 -14.00 1.35 4.08
CA ARG A 17 -14.51 1.90 2.83
C ARG A 17 -13.47 2.75 2.11
N SER A 18 -12.76 3.60 2.83
CA SER A 18 -11.91 4.57 2.17
C SER A 18 -10.58 4.75 2.88
N LYS A 19 -9.78 5.65 2.33
CA LYS A 19 -8.41 5.88 2.77
C LYS A 19 -8.37 6.73 4.03
N VAL A 20 -9.50 6.83 4.69
CA VAL A 20 -9.62 7.54 5.98
C VAL A 20 -8.92 6.77 7.11
N CYS A 21 -7.82 6.11 6.78
CA CYS A 21 -7.07 5.30 7.72
C CYS A 21 -6.59 6.12 8.92
N PRO A 22 -6.78 5.58 10.13
CA PRO A 22 -6.27 6.19 11.37
C PRO A 22 -4.74 6.10 11.43
N LYS A 23 -4.15 6.51 12.53
CA LYS A 23 -2.71 6.46 12.67
C LYS A 23 -2.30 5.46 13.76
N PRO A 24 -1.19 4.72 13.54
CA PRO A 24 -0.48 4.70 12.27
C PRO A 24 -1.06 3.66 11.31
N PHE A 25 -1.80 4.11 10.31
CA PHE A 25 -2.35 3.21 9.31
C PHE A 25 -2.26 3.86 7.94
N ALA A 26 -1.93 3.07 6.94
CA ALA A 26 -1.78 3.59 5.59
C ALA A 26 -2.76 2.92 4.64
N ALA A 27 -3.37 3.74 3.79
CA ALA A 27 -4.21 3.25 2.72
C ALA A 27 -3.40 2.42 1.74
N PHE A 28 -3.44 1.12 1.91
CA PHE A 28 -2.67 0.22 1.10
C PHE A 28 -3.54 -0.34 -0.01
N GLY A 29 -3.57 0.39 -1.12
CA GLY A 29 -4.33 0.00 -2.29
C GLY A 29 -5.75 -0.41 -1.96
N THR A 30 -6.19 -1.49 -2.58
CA THR A 30 -7.52 -2.02 -2.36
C THR A 30 -7.44 -3.54 -2.27
N CYS A 31 -8.13 -4.11 -1.30
CA CYS A 31 -8.05 -5.54 -1.05
C CYS A 31 -9.04 -6.31 -1.90
N SER A 32 -10.31 -6.18 -1.59
CA SER A 32 -11.33 -6.95 -2.26
C SER A 32 -11.99 -6.13 -3.36
N TRP A 33 -12.81 -5.19 -2.97
CA TRP A 33 -13.38 -4.24 -3.91
C TRP A 33 -12.52 -3.00 -3.90
N ARG A 34 -12.41 -2.32 -5.03
CA ARG A 34 -11.71 -1.04 -5.09
C ARG A 34 -12.45 -0.03 -4.23
N GLN A 35 -13.75 -0.27 -4.11
CA GLN A 35 -14.65 0.52 -3.28
C GLN A 35 -14.14 0.65 -1.85
N LYS A 36 -13.29 -0.27 -1.44
CA LYS A 36 -12.71 -0.23 -0.10
C LYS A 36 -11.18 -0.31 -0.12
N THR A 37 -10.58 0.31 0.89
CA THR A 37 -9.13 0.42 0.99
C THR A 37 -8.60 -0.59 2.01
N CYS A 38 -7.37 -1.07 1.81
CA CYS A 38 -6.76 -1.98 2.75
C CYS A 38 -5.84 -1.19 3.68
N CYS A 39 -6.19 -1.13 4.96
CA CYS A 39 -5.45 -0.30 5.91
C CYS A 39 -4.77 -1.13 6.97
N VAL A 40 -3.43 -1.15 6.93
CA VAL A 40 -2.66 -1.90 7.91
C VAL A 40 -2.02 -0.97 8.92
N ASP A 41 -1.79 -1.50 10.12
CA ASP A 41 -1.07 -0.79 11.16
C ASP A 41 0.37 -0.59 10.73
N THR A 42 0.60 0.51 10.07
CA THR A 42 1.87 0.77 9.42
C THR A 42 2.87 1.37 10.40
N THR A 43 3.55 0.50 11.14
CA THR A 43 4.64 0.93 12.00
C THR A 43 5.98 0.38 11.50
N SER A 44 6.22 -0.91 11.72
CA SER A 44 7.32 -1.63 11.09
C SER A 44 6.82 -2.40 9.87
N ASP A 45 5.66 -3.05 10.05
CA ASP A 45 5.06 -3.95 9.06
C ASP A 45 4.71 -3.21 7.77
N PHE A 46 4.68 -1.89 7.86
CA PHE A 46 4.22 -1.02 6.78
C PHE A 46 4.98 -1.22 5.48
N HIS A 47 6.13 -1.85 5.57
CA HIS A 47 6.96 -2.14 4.40
C HIS A 47 6.25 -2.98 3.35
N THR A 48 5.00 -3.38 3.65
CA THR A 48 4.15 -4.26 2.80
C THR A 48 4.03 -3.83 1.32
N CYS A 49 4.67 -2.72 0.94
CA CYS A 49 4.62 -2.21 -0.43
C CYS A 49 4.80 -3.31 -1.49
N GLN A 50 5.93 -4.01 -1.46
CA GLN A 50 6.24 -5.02 -2.46
C GLN A 50 5.27 -6.20 -2.41
N ASP A 51 4.54 -6.34 -1.31
CA ASP A 51 3.51 -7.37 -1.21
C ASP A 51 2.32 -6.98 -2.07
N LYS A 52 2.07 -5.68 -2.12
CA LYS A 52 0.98 -5.12 -2.90
C LYS A 52 1.37 -4.95 -4.35
N GLY A 53 2.66 -5.05 -4.61
CA GLY A 53 3.17 -4.82 -5.95
C GLY A 53 3.87 -3.49 -6.06
N GLY A 54 4.44 -3.04 -4.95
CA GLY A 54 5.16 -1.78 -4.92
C GLY A 54 6.26 -1.71 -5.94
N HIS A 55 6.18 -0.71 -6.81
CA HIS A 55 7.13 -0.57 -7.90
C HIS A 55 8.24 0.42 -7.52
N CYS A 56 9.26 0.47 -8.35
CA CYS A 56 10.40 1.34 -8.12
C CYS A 56 10.66 2.19 -9.34
N VAL A 57 10.49 3.50 -9.18
CA VAL A 57 10.65 4.41 -10.30
C VAL A 57 11.62 5.53 -9.95
N SER A 58 12.43 5.91 -10.91
CA SER A 58 13.42 6.96 -10.73
C SER A 58 12.72 8.31 -10.71
N PRO A 59 13.42 9.36 -10.26
CA PRO A 59 12.87 10.73 -10.27
C PRO A 59 12.62 11.26 -11.68
N LYS A 60 12.98 10.46 -12.68
CA LYS A 60 12.76 10.82 -14.08
C LYS A 60 11.53 10.09 -14.64
N ILE A 61 11.05 9.08 -13.91
CA ILE A 61 9.93 8.27 -14.36
C ILE A 61 8.63 8.97 -14.06
N ARG A 62 7.71 8.93 -15.02
CA ARG A 62 6.40 9.53 -14.84
C ARG A 62 5.42 8.47 -14.38
N CYS A 63 5.35 8.30 -13.07
CA CYS A 63 4.48 7.31 -12.46
C CYS A 63 3.73 7.94 -11.31
N LEU A 64 2.56 7.40 -10.98
CA LEU A 64 1.86 7.83 -9.79
C LEU A 64 2.56 7.23 -8.59
N GLU A 65 3.60 7.91 -8.15
CA GLU A 65 4.50 7.38 -7.14
C GLU A 65 3.96 7.58 -5.73
N GLU A 66 4.66 6.95 -4.78
CA GLU A 66 4.38 7.04 -3.34
C GLU A 66 3.36 6.01 -2.90
N GLN A 67 3.82 4.77 -2.78
CA GLN A 67 3.04 3.71 -2.20
C GLN A 67 3.43 3.55 -0.73
N LEU A 68 4.65 3.06 -0.51
CA LEU A 68 5.22 2.99 0.85
C LEU A 68 6.64 2.48 0.83
N GLY A 69 7.52 3.15 1.56
CA GLY A 69 8.88 2.66 1.72
C GLY A 69 9.85 3.26 0.72
N LEU A 70 11.13 3.10 0.99
CA LEU A 70 12.17 3.59 0.10
C LEU A 70 12.72 2.45 -0.73
N CYS A 71 12.73 2.66 -2.03
CA CYS A 71 13.25 1.68 -2.97
C CYS A 71 14.76 1.52 -2.85
N PRO A 72 15.32 0.40 -3.38
CA PRO A 72 16.75 0.13 -3.40
C PRO A 72 17.59 1.39 -3.66
N LEU A 73 17.26 2.12 -4.72
CA LEU A 73 17.93 3.39 -4.97
C LEU A 73 17.34 4.46 -4.09
N LYS A 74 18.20 5.32 -3.61
CA LYS A 74 17.83 6.29 -2.59
C LYS A 74 17.10 7.49 -3.20
N ARG A 75 17.22 7.63 -4.51
CA ARG A 75 16.58 8.72 -5.23
C ARG A 75 15.24 8.27 -5.82
N TRP A 76 14.90 7.01 -5.59
CA TRP A 76 13.68 6.44 -6.16
C TRP A 76 12.58 6.37 -5.13
N THR A 77 11.35 6.40 -5.61
CA THR A 77 10.19 6.30 -4.75
C THR A 77 9.41 5.04 -5.08
N CYS A 78 8.94 4.34 -4.05
CA CYS A 78 8.09 3.19 -4.27
C CYS A 78 6.76 3.67 -4.81
N CYS A 79 6.36 3.14 -5.95
CA CYS A 79 5.19 3.65 -6.65
C CYS A 79 4.07 2.63 -6.68
N LYS A 80 2.86 3.13 -6.52
CA LYS A 80 1.69 2.26 -6.50
C LYS A 80 1.18 2.08 -7.92
N GLU A 81 1.62 0.98 -8.53
CA GLU A 81 1.27 0.63 -9.92
C GLU A 81 1.73 1.68 -10.92
N ILE A 82 2.62 1.26 -11.81
CA ILE A 82 3.12 2.11 -12.88
C ILE A 82 2.12 2.12 -14.03
N LEU A 1 -18.25 -12.19 5.44
CA LEU A 1 -17.33 -11.21 4.82
C LEU A 1 -17.23 -11.45 3.31
N PRO A 2 -16.64 -10.50 2.57
CA PRO A 2 -16.34 -10.67 1.13
C PRO A 2 -15.35 -11.80 0.88
N ARG A 3 -14.65 -11.76 -0.24
CA ARG A 3 -13.71 -12.82 -0.58
C ARG A 3 -12.39 -12.65 0.16
N ASP A 4 -11.85 -11.44 0.11
CA ASP A 4 -10.46 -11.20 0.51
C ASP A 4 -10.34 -10.38 1.78
N THR A 5 -11.41 -10.24 2.53
CA THR A 5 -11.38 -9.41 3.72
C THR A 5 -10.76 -10.16 4.91
N SER A 6 -11.16 -11.41 5.08
CA SER A 6 -10.57 -12.26 6.11
C SER A 6 -9.13 -12.61 5.73
N ARG A 7 -8.86 -12.48 4.45
CA ARG A 7 -7.51 -12.64 3.92
C ARG A 7 -6.67 -11.41 4.23
N CYS A 8 -7.16 -10.24 3.84
CA CYS A 8 -6.39 -9.02 3.88
C CYS A 8 -6.06 -8.60 5.29
N VAL A 9 -6.98 -8.85 6.22
CA VAL A 9 -6.86 -8.40 7.61
C VAL A 9 -5.52 -8.84 8.23
N GLY A 10 -5.02 -10.00 7.80
CA GLY A 10 -3.73 -10.45 8.31
C GLY A 10 -2.58 -9.95 7.48
N TYR A 11 -2.85 -9.62 6.22
CA TYR A 11 -1.82 -9.22 5.28
C TYR A 11 -1.62 -7.71 5.25
N HIS A 12 -2.63 -6.98 4.77
CA HIS A 12 -2.48 -5.55 4.48
C HIS A 12 -3.44 -4.74 5.35
N GLY A 13 -4.01 -5.37 6.36
CA GLY A 13 -4.89 -4.66 7.27
C GLY A 13 -6.36 -4.88 6.99
N TYR A 14 -7.22 -4.09 7.62
CA TYR A 14 -8.66 -4.29 7.53
C TYR A 14 -9.25 -3.58 6.31
N CYS A 15 -10.54 -3.79 6.08
CA CYS A 15 -11.19 -3.30 4.86
C CYS A 15 -12.28 -2.28 5.16
N ILE A 16 -11.91 -1.00 5.19
CA ILE A 16 -12.90 0.06 5.33
C ILE A 16 -13.29 0.58 3.96
N ARG A 17 -14.07 1.63 3.90
CA ARG A 17 -14.53 2.13 2.61
C ARG A 17 -13.47 3.00 1.94
N SER A 18 -12.89 3.92 2.69
CA SER A 18 -12.09 4.97 2.10
C SER A 18 -10.71 5.07 2.73
N LYS A 19 -9.87 5.88 2.11
CA LYS A 19 -8.46 6.02 2.47
C LYS A 19 -8.28 6.91 3.69
N VAL A 20 -9.34 7.03 4.45
CA VAL A 20 -9.38 7.86 5.66
C VAL A 20 -8.71 7.13 6.83
N CYS A 21 -7.71 6.33 6.52
CA CYS A 21 -7.02 5.51 7.50
C CYS A 21 -6.41 6.37 8.62
N PRO A 22 -6.64 5.97 9.88
CA PRO A 22 -6.07 6.62 11.06
C PRO A 22 -4.57 6.35 11.19
N LYS A 23 -3.97 6.78 12.29
CA LYS A 23 -2.55 6.56 12.51
C LYS A 23 -2.30 5.60 13.68
N PRO A 24 -1.27 4.74 13.57
CA PRO A 24 -0.50 4.57 12.35
C PRO A 24 -1.15 3.55 11.41
N PHE A 25 -1.78 4.02 10.35
CA PHE A 25 -2.39 3.14 9.36
C PHE A 25 -2.21 3.72 7.98
N ALA A 26 -2.13 2.86 6.98
CA ALA A 26 -1.97 3.32 5.61
C ALA A 26 -2.98 2.65 4.70
N ALA A 27 -3.55 3.44 3.79
CA ALA A 27 -4.42 2.92 2.76
C ALA A 27 -3.64 2.02 1.82
N PHE A 28 -3.70 0.73 2.07
CA PHE A 28 -2.97 -0.22 1.27
C PHE A 28 -3.91 -0.88 0.28
N GLY A 29 -4.03 -0.24 -0.87
CA GLY A 29 -4.82 -0.78 -1.95
C GLY A 29 -6.20 -1.20 -1.51
N THR A 30 -6.60 -2.35 -1.99
CA THR A 30 -7.92 -2.88 -1.72
C THR A 30 -7.84 -4.39 -1.54
N CYS A 31 -8.56 -4.91 -0.56
CA CYS A 31 -8.52 -6.33 -0.27
C CYS A 31 -9.29 -7.14 -1.30
N SER A 32 -10.61 -7.02 -1.26
CA SER A 32 -11.46 -7.83 -2.10
C SER A 32 -12.03 -6.97 -3.21
N TRP A 33 -12.95 -6.10 -2.84
CA TRP A 33 -13.52 -5.14 -3.76
C TRP A 33 -12.71 -3.86 -3.68
N ARG A 34 -12.63 -3.13 -4.78
CA ARG A 34 -11.84 -1.91 -4.84
C ARG A 34 -12.52 -0.80 -4.05
N GLN A 35 -13.84 -0.90 -3.95
CA GLN A 35 -14.64 0.04 -3.17
C GLN A 35 -14.22 0.10 -1.69
N LYS A 36 -13.43 -0.86 -1.25
CA LYS A 36 -12.95 -0.89 0.14
C LYS A 36 -11.44 -0.97 0.22
N THR A 37 -10.86 -0.04 0.97
CA THR A 37 -9.42 0.08 1.12
C THR A 37 -8.92 -0.86 2.21
N CYS A 38 -7.69 -1.35 2.05
CA CYS A 38 -7.10 -2.23 3.03
C CYS A 38 -6.13 -1.44 3.91
N CYS A 39 -6.50 -1.19 5.15
CA CYS A 39 -5.71 -0.34 6.02
C CYS A 39 -5.04 -1.13 7.14
N VAL A 40 -3.72 -1.23 7.07
CA VAL A 40 -2.95 -1.92 8.09
C VAL A 40 -2.25 -0.93 8.99
N ASP A 41 -1.97 -1.33 10.23
CA ASP A 41 -1.23 -0.53 11.14
C ASP A 41 0.23 -0.45 10.69
N THR A 42 0.52 0.54 9.88
CA THR A 42 1.82 0.64 9.26
C THR A 42 2.86 1.18 10.23
N THR A 43 3.40 0.27 11.04
CA THR A 43 4.55 0.57 11.86
C THR A 43 5.75 -0.27 11.42
N SER A 44 5.59 -1.59 11.41
CA SER A 44 6.64 -2.50 10.92
C SER A 44 6.39 -2.95 9.47
N ASP A 45 5.20 -3.53 9.25
CA ASP A 45 4.89 -4.29 8.03
C ASP A 45 4.68 -3.43 6.80
N PHE A 46 4.65 -2.12 6.99
CA PHE A 46 4.26 -1.16 5.95
C PHE A 46 5.01 -1.31 4.62
N HIS A 47 6.13 -2.01 4.65
CA HIS A 47 6.92 -2.26 3.44
C HIS A 47 6.13 -3.01 2.36
N THR A 48 4.87 -3.34 2.66
CA THR A 48 3.95 -4.03 1.74
C THR A 48 3.89 -3.42 0.33
N CYS A 49 4.57 -2.30 0.11
CA CYS A 49 4.69 -1.71 -1.23
C CYS A 49 4.94 -2.79 -2.27
N GLN A 50 5.91 -3.65 -1.96
CA GLN A 50 6.29 -4.78 -2.80
C GLN A 50 5.07 -5.60 -3.28
N ASP A 51 4.12 -5.83 -2.39
CA ASP A 51 2.99 -6.70 -2.69
C ASP A 51 1.96 -5.96 -3.55
N LYS A 52 1.90 -4.65 -3.38
CA LYS A 52 1.02 -3.82 -4.18
C LYS A 52 1.57 -3.61 -5.58
N GLY A 53 2.79 -4.06 -5.79
CA GLY A 53 3.46 -3.80 -7.04
C GLY A 53 4.21 -2.50 -7.00
N GLY A 54 4.75 -2.18 -5.82
CA GLY A 54 5.49 -0.94 -5.63
C GLY A 54 6.48 -0.68 -6.74
N HIS A 55 6.30 0.44 -7.41
CA HIS A 55 7.06 0.74 -8.61
C HIS A 55 8.36 1.44 -8.24
N CYS A 56 9.33 1.35 -9.13
CA CYS A 56 10.63 1.96 -8.90
C CYS A 56 10.94 2.98 -9.97
N VAL A 57 11.12 4.22 -9.54
CA VAL A 57 11.40 5.30 -10.46
C VAL A 57 12.69 6.01 -10.06
N SER A 58 13.50 6.31 -11.06
CA SER A 58 14.76 6.98 -10.87
C SER A 58 14.51 8.44 -10.49
N PRO A 59 15.50 9.12 -9.89
CA PRO A 59 15.35 10.49 -9.37
C PRO A 59 14.98 11.52 -10.45
N LYS A 60 15.00 11.10 -11.71
CA LYS A 60 14.64 12.00 -12.81
C LYS A 60 13.22 11.74 -13.29
N ILE A 61 12.58 10.73 -12.72
CA ILE A 61 11.21 10.39 -13.05
C ILE A 61 10.25 11.29 -12.28
N ARG A 62 9.24 11.77 -12.96
CA ARG A 62 8.21 12.56 -12.30
C ARG A 62 6.95 11.73 -12.12
N CYS A 63 6.90 11.03 -11.01
CA CYS A 63 5.81 10.13 -10.68
C CYS A 63 5.37 10.39 -9.25
N LEU A 64 4.14 10.02 -8.90
CA LEU A 64 3.70 10.12 -7.52
C LEU A 64 4.47 9.11 -6.68
N GLU A 65 5.65 9.52 -6.27
CA GLU A 65 6.59 8.65 -5.61
C GLU A 65 6.37 8.61 -4.11
N GLU A 66 7.07 7.68 -3.47
CA GLU A 66 7.05 7.50 -2.02
C GLU A 66 5.81 6.78 -1.56
N GLN A 67 5.72 5.54 -1.98
CA GLN A 67 4.75 4.62 -1.41
C GLN A 67 5.27 4.19 -0.04
N LEU A 68 6.15 3.19 0.02
CA LEU A 68 6.82 2.80 1.26
C LEU A 68 8.25 2.35 1.02
N GLY A 69 9.20 3.03 1.63
CA GLY A 69 10.56 2.52 1.68
C GLY A 69 11.40 2.85 0.47
N LEU A 70 12.55 2.18 0.37
CA LEU A 70 13.52 2.43 -0.67
C LEU A 70 13.50 1.32 -1.73
N CYS A 71 13.91 1.67 -2.93
CA CYS A 71 13.97 0.74 -4.04
C CYS A 71 15.33 0.03 -4.12
N PRO A 72 15.42 -1.07 -4.90
CA PRO A 72 16.70 -1.74 -5.18
C PRO A 72 17.85 -0.76 -5.41
N LEU A 73 17.67 0.18 -6.34
CA LEU A 73 18.67 1.23 -6.55
C LEU A 73 18.62 2.23 -5.40
N LYS A 74 19.70 2.96 -5.24
CA LYS A 74 19.89 3.78 -4.05
C LYS A 74 19.22 5.15 -4.17
N ARG A 75 19.31 5.72 -5.36
CA ARG A 75 18.75 7.05 -5.59
C ARG A 75 17.33 6.98 -6.15
N TRP A 76 16.76 5.79 -6.12
CA TRP A 76 15.39 5.60 -6.61
C TRP A 76 14.42 5.60 -5.45
N THR A 77 13.18 5.90 -5.74
CA THR A 77 12.15 5.95 -4.73
C THR A 77 11.05 4.95 -5.05
N CYS A 78 10.56 4.25 -4.02
CA CYS A 78 9.42 3.37 -4.18
C CYS A 78 8.20 4.22 -4.49
N CYS A 79 7.74 4.15 -5.72
CA CYS A 79 6.67 5.02 -6.18
C CYS A 79 5.32 4.33 -6.10
N LYS A 80 4.32 5.11 -5.72
CA LYS A 80 3.01 4.57 -5.47
C LYS A 80 2.21 4.49 -6.76
N GLU A 81 2.26 3.30 -7.36
CA GLU A 81 1.46 2.96 -8.54
C GLU A 81 1.48 4.03 -9.63
N ILE A 82 2.40 3.87 -10.57
CA ILE A 82 2.53 4.79 -11.69
C ILE A 82 1.29 4.74 -12.56
N LEU A 1 -16.99 -11.76 5.98
CA LEU A 1 -16.21 -10.69 5.30
C LEU A 1 -16.15 -10.94 3.80
N PRO A 2 -15.85 -9.90 3.02
CA PRO A 2 -15.69 -10.00 1.56
C PRO A 2 -14.60 -10.96 1.14
N ARG A 3 -14.58 -11.26 -0.15
CA ARG A 3 -13.72 -12.29 -0.75
C ARG A 3 -12.27 -12.24 -0.25
N ASP A 4 -11.67 -11.06 -0.28
CA ASP A 4 -10.24 -10.93 0.02
C ASP A 4 -9.97 -10.25 1.36
N THR A 5 -11.02 -9.95 2.11
CA THR A 5 -10.86 -9.20 3.34
C THR A 5 -10.22 -10.05 4.44
N SER A 6 -10.65 -11.31 4.56
CA SER A 6 -10.13 -12.20 5.58
C SER A 6 -8.66 -12.50 5.31
N ARG A 7 -8.27 -12.43 4.06
CA ARG A 7 -6.88 -12.56 3.66
C ARG A 7 -6.12 -11.29 4.01
N CYS A 8 -6.68 -10.17 3.59
CA CYS A 8 -6.02 -8.88 3.69
C CYS A 8 -5.81 -8.48 5.15
N VAL A 9 -6.84 -8.70 5.98
CA VAL A 9 -6.84 -8.22 7.36
C VAL A 9 -5.58 -8.65 8.12
N GLY A 10 -5.06 -9.82 7.78
CA GLY A 10 -3.85 -10.28 8.41
C GLY A 10 -2.60 -9.75 7.73
N TYR A 11 -2.69 -9.50 6.43
CA TYR A 11 -1.53 -9.08 5.65
C TYR A 11 -1.42 -7.57 5.59
N HIS A 12 -2.32 -6.95 4.84
CA HIS A 12 -2.21 -5.52 4.53
C HIS A 12 -3.24 -4.73 5.34
N GLY A 13 -3.82 -5.37 6.34
CA GLY A 13 -4.76 -4.70 7.21
C GLY A 13 -6.21 -4.95 6.86
N TYR A 14 -7.12 -4.37 7.63
CA TYR A 14 -8.54 -4.60 7.44
C TYR A 14 -9.08 -3.77 6.29
N CYS A 15 -10.36 -3.87 6.01
CA CYS A 15 -10.91 -3.23 4.82
C CYS A 15 -12.09 -2.31 5.15
N ILE A 16 -11.81 -1.04 5.33
CA ILE A 16 -12.84 -0.06 5.60
C ILE A 16 -13.30 0.57 4.30
N ARG A 17 -14.22 1.51 4.37
CA ARG A 17 -14.79 2.09 3.17
C ARG A 17 -13.79 2.97 2.42
N SER A 18 -13.08 3.83 3.15
CA SER A 18 -12.27 4.84 2.49
C SER A 18 -10.90 4.95 3.13
N LYS A 19 -10.14 5.94 2.68
CA LYS A 19 -8.76 6.13 3.09
C LYS A 19 -8.69 6.88 4.40
N VAL A 20 -9.82 6.91 5.10
CA VAL A 20 -9.92 7.57 6.41
C VAL A 20 -9.24 6.73 7.50
N CYS A 21 -8.18 6.03 7.12
CA CYS A 21 -7.45 5.16 8.02
C CYS A 21 -6.94 5.92 9.25
N PRO A 22 -7.12 5.33 10.45
CA PRO A 22 -6.60 5.88 11.70
C PRO A 22 -5.07 5.82 11.73
N LYS A 23 -4.48 6.20 12.84
CA LYS A 23 -3.02 6.21 12.95
C LYS A 23 -2.55 5.30 14.08
N PRO A 24 -1.45 4.55 13.87
CA PRO A 24 -0.76 4.48 12.59
C PRO A 24 -1.37 3.45 11.64
N PHE A 25 -2.08 3.93 10.64
CA PHE A 25 -2.66 3.04 9.62
C PHE A 25 -2.57 3.74 8.28
N ALA A 26 -2.41 2.97 7.21
CA ALA A 26 -2.28 3.55 5.89
C ALA A 26 -3.25 2.91 4.91
N ALA A 27 -3.83 3.75 4.06
CA ALA A 27 -4.66 3.29 2.96
C ALA A 27 -3.83 2.48 1.98
N PHE A 28 -3.94 1.18 2.09
CA PHE A 28 -3.17 0.27 1.26
C PHE A 28 -4.05 -0.30 0.16
N GLY A 29 -4.13 0.43 -0.94
CA GLY A 29 -4.89 0.01 -2.09
C GLY A 29 -6.28 -0.46 -1.74
N THR A 30 -6.68 -1.55 -2.38
CA THR A 30 -7.96 -2.16 -2.16
C THR A 30 -7.76 -3.67 -1.99
N CYS A 31 -8.52 -4.29 -1.09
CA CYS A 31 -8.35 -5.71 -0.84
C CYS A 31 -9.26 -6.56 -1.71
N SER A 32 -10.56 -6.51 -1.44
CA SER A 32 -11.52 -7.32 -2.19
C SER A 32 -12.24 -6.44 -3.20
N TRP A 33 -13.10 -5.58 -2.69
CA TRP A 33 -13.80 -4.62 -3.53
C TRP A 33 -12.98 -3.34 -3.58
N ARG A 34 -13.01 -2.66 -4.71
CA ARG A 34 -12.26 -1.44 -4.90
C ARG A 34 -12.88 -0.30 -4.08
N GLN A 35 -14.18 -0.41 -3.85
CA GLN A 35 -14.93 0.57 -3.07
C GLN A 35 -14.42 0.69 -1.63
N LYS A 36 -13.64 -0.30 -1.18
CA LYS A 36 -13.09 -0.29 0.17
C LYS A 36 -11.57 -0.32 0.15
N THR A 37 -10.97 0.25 1.18
CA THR A 37 -9.52 0.39 1.27
C THR A 37 -8.96 -0.60 2.29
N CYS A 38 -7.76 -1.12 2.03
CA CYS A 38 -7.11 -2.03 2.96
C CYS A 38 -6.21 -1.23 3.89
N CYS A 39 -6.52 -1.21 5.17
CA CYS A 39 -5.79 -0.37 6.12
C CYS A 39 -5.09 -1.20 7.17
N VAL A 40 -3.76 -1.18 7.14
CA VAL A 40 -2.97 -1.91 8.10
C VAL A 40 -2.31 -0.97 9.10
N ASP A 41 -2.11 -1.47 10.31
CA ASP A 41 -1.33 -0.76 11.32
C ASP A 41 0.09 -0.62 10.82
N THR A 42 0.39 0.54 10.25
CA THR A 42 1.61 0.74 9.51
C THR A 42 2.73 1.28 10.40
N THR A 43 3.43 0.39 11.09
CA THR A 43 4.62 0.78 11.81
C THR A 43 5.86 0.09 11.23
N SER A 44 5.84 -1.24 11.23
CA SER A 44 6.94 -2.05 10.73
C SER A 44 6.71 -2.54 9.30
N ASP A 45 5.67 -3.35 9.15
CA ASP A 45 5.40 -4.10 7.92
C ASP A 45 4.84 -3.21 6.82
N PHE A 46 4.55 -1.96 7.18
CA PHE A 46 3.95 -0.97 6.27
C PHE A 46 4.68 -0.83 4.94
N HIS A 47 5.89 -1.34 4.89
CA HIS A 47 6.69 -1.40 3.67
C HIS A 47 6.07 -2.28 2.60
N THR A 48 4.90 -2.85 2.89
CA THR A 48 4.18 -3.81 2.03
C THR A 48 4.07 -3.40 0.53
N CYS A 49 4.50 -2.20 0.18
CA CYS A 49 4.34 -1.69 -1.19
C CYS A 49 4.70 -2.74 -2.27
N GLN A 50 5.83 -3.42 -2.13
CA GLN A 50 6.27 -4.39 -3.14
C GLN A 50 5.29 -5.55 -3.26
N ASP A 51 4.61 -5.89 -2.16
CA ASP A 51 3.63 -6.97 -2.15
C ASP A 51 2.41 -6.55 -2.96
N LYS A 52 2.08 -5.27 -2.85
CA LYS A 52 0.95 -4.69 -3.58
C LYS A 52 1.27 -4.50 -5.04
N GLY A 53 2.56 -4.47 -5.36
CA GLY A 53 2.99 -4.21 -6.71
C GLY A 53 3.84 -2.97 -6.80
N GLY A 54 4.79 -2.86 -5.88
CA GLY A 54 5.62 -1.68 -5.80
C GLY A 54 6.81 -1.76 -6.73
N HIS A 55 6.93 -0.75 -7.58
CA HIS A 55 8.02 -0.67 -8.54
C HIS A 55 9.08 0.30 -8.03
N CYS A 56 10.21 0.35 -8.72
CA CYS A 56 11.29 1.24 -8.33
C CYS A 56 11.66 2.13 -9.49
N VAL A 57 11.46 3.42 -9.31
CA VAL A 57 11.74 4.37 -10.36
C VAL A 57 12.80 5.36 -9.92
N SER A 58 13.67 5.69 -10.86
CA SER A 58 14.74 6.62 -10.63
C SER A 58 14.21 8.04 -10.64
N PRO A 59 14.99 8.99 -10.10
CA PRO A 59 14.62 10.42 -10.10
C PRO A 59 14.38 10.94 -11.52
N LYS A 60 14.87 10.22 -12.50
CA LYS A 60 14.71 10.60 -13.91
C LYS A 60 13.37 10.10 -14.47
N ILE A 61 12.72 9.21 -13.75
CA ILE A 61 11.46 8.65 -14.20
C ILE A 61 10.33 9.60 -13.88
N ARG A 62 9.35 9.66 -14.75
CA ARG A 62 8.17 10.45 -14.49
C ARG A 62 6.98 9.54 -14.20
N CYS A 63 6.84 9.20 -12.94
CA CYS A 63 5.78 8.31 -12.48
C CYS A 63 5.10 8.93 -11.28
N LEU A 64 3.86 8.55 -11.03
CA LEU A 64 3.20 8.93 -9.81
C LEU A 64 3.71 8.02 -8.72
N GLU A 65 4.85 8.40 -8.17
CA GLU A 65 5.60 7.56 -7.25
C GLU A 65 5.21 7.78 -5.80
N GLU A 66 5.77 6.94 -4.94
CA GLU A 66 5.57 6.96 -3.49
C GLU A 66 4.39 6.10 -3.08
N GLN A 67 4.59 4.80 -3.21
CA GLN A 67 3.62 3.82 -2.75
C GLN A 67 3.70 3.73 -1.24
N LEU A 68 4.83 3.23 -0.75
CA LEU A 68 5.10 3.17 0.68
C LEU A 68 6.53 2.72 0.94
N GLY A 69 7.49 3.60 0.70
CA GLY A 69 8.87 3.25 0.99
C GLY A 69 9.87 3.80 0.00
N LEU A 70 11.11 3.81 0.43
CA LEU A 70 12.22 4.27 -0.37
C LEU A 70 13.01 3.04 -0.83
N CYS A 71 13.34 3.01 -2.12
CA CYS A 71 13.96 1.84 -2.73
C CYS A 71 15.44 1.71 -2.34
N PRO A 72 16.03 0.51 -2.52
CA PRO A 72 17.45 0.27 -2.19
C PRO A 72 18.37 1.38 -2.69
N LEU A 73 18.16 1.80 -3.93
CA LEU A 73 18.90 2.91 -4.49
C LEU A 73 18.49 4.20 -3.82
N LYS A 74 19.49 4.95 -3.41
CA LYS A 74 19.31 6.09 -2.49
C LYS A 74 18.35 7.15 -3.03
N ARG A 75 18.29 7.31 -4.33
CA ARG A 75 17.46 8.36 -4.92
C ARG A 75 16.24 7.78 -5.62
N TRP A 76 15.97 6.50 -5.39
CA TRP A 76 14.86 5.85 -6.05
C TRP A 76 13.65 5.75 -5.13
N THR A 77 12.49 5.75 -5.74
CA THR A 77 11.25 5.74 -4.99
C THR A 77 10.41 4.52 -5.34
N CYS A 78 9.84 3.89 -4.32
CA CYS A 78 8.91 2.79 -4.52
C CYS A 78 7.61 3.36 -5.06
N CYS A 79 7.35 3.10 -6.33
CA CYS A 79 6.21 3.70 -7.02
C CYS A 79 5.10 2.69 -7.20
N LYS A 80 3.88 3.16 -7.04
CA LYS A 80 2.73 2.29 -7.15
C LYS A 80 2.24 2.26 -8.58
N GLU A 81 2.70 1.23 -9.31
CA GLU A 81 2.35 1.04 -10.72
C GLU A 81 2.79 2.20 -11.60
N ILE A 82 3.66 1.89 -12.52
CA ILE A 82 4.20 2.86 -13.45
C ILE A 82 3.26 3.02 -14.64
N LEU A 1 -17.71 -12.96 3.86
CA LEU A 1 -16.64 -11.93 3.80
C LEU A 1 -16.12 -11.84 2.37
N PRO A 2 -15.79 -10.62 1.89
CA PRO A 2 -15.29 -10.40 0.52
C PRO A 2 -14.01 -11.18 0.26
N ARG A 3 -13.80 -11.54 -1.02
CA ARG A 3 -12.76 -12.49 -1.44
C ARG A 3 -11.40 -12.25 -0.78
N ASP A 4 -10.93 -11.03 -0.83
CA ASP A 4 -9.57 -10.74 -0.40
C ASP A 4 -9.52 -10.04 0.93
N THR A 5 -10.66 -9.94 1.60
CA THR A 5 -10.70 -9.33 2.92
C THR A 5 -10.06 -10.26 3.94
N SER A 6 -10.38 -11.56 3.86
CA SER A 6 -9.79 -12.54 4.75
C SER A 6 -8.30 -12.71 4.45
N ARG A 7 -7.91 -12.32 3.24
CA ARG A 7 -6.51 -12.33 2.85
C ARG A 7 -5.81 -11.08 3.38
N CYS A 8 -6.45 -9.95 3.17
CA CYS A 8 -5.84 -8.67 3.47
C CYS A 8 -5.69 -8.44 4.96
N VAL A 9 -6.69 -8.88 5.72
CA VAL A 9 -6.76 -8.63 7.16
C VAL A 9 -5.46 -9.06 7.88
N GLY A 10 -4.83 -10.11 7.37
CA GLY A 10 -3.59 -10.57 7.95
C GLY A 10 -2.37 -9.90 7.33
N TYR A 11 -2.53 -9.43 6.10
CA TYR A 11 -1.43 -8.84 5.36
C TYR A 11 -1.38 -7.32 5.51
N HIS A 12 -2.36 -6.63 4.95
CA HIS A 12 -2.32 -5.18 4.82
C HIS A 12 -3.40 -4.53 5.68
N GLY A 13 -3.96 -5.28 6.61
CA GLY A 13 -4.92 -4.72 7.54
C GLY A 13 -6.35 -4.98 7.16
N TYR A 14 -7.28 -4.29 7.80
CA TYR A 14 -8.70 -4.51 7.59
C TYR A 14 -9.19 -3.73 6.38
N CYS A 15 -10.47 -3.87 6.05
CA CYS A 15 -11.00 -3.26 4.84
C CYS A 15 -12.20 -2.39 5.15
N ILE A 16 -11.97 -1.09 5.32
CA ILE A 16 -13.05 -0.15 5.56
C ILE A 16 -13.51 0.45 4.24
N ARG A 17 -14.55 1.27 4.28
CA ARG A 17 -15.15 1.78 3.05
C ARG A 17 -14.33 2.93 2.45
N SER A 18 -13.56 3.63 3.28
CA SER A 18 -12.85 4.80 2.78
C SER A 18 -11.42 4.84 3.32
N LYS A 19 -10.69 5.86 2.91
CA LYS A 19 -9.28 6.01 3.23
C LYS A 19 -9.12 6.72 4.56
N VAL A 20 -10.19 6.71 5.32
CA VAL A 20 -10.24 7.33 6.65
C VAL A 20 -9.43 6.54 7.68
N CYS A 21 -8.33 5.94 7.24
CA CYS A 21 -7.48 5.15 8.11
C CYS A 21 -6.97 5.99 9.29
N PRO A 22 -7.09 5.45 10.52
CA PRO A 22 -6.57 6.09 11.72
C PRO A 22 -5.06 6.02 11.76
N LYS A 23 -4.45 6.50 12.85
CA LYS A 23 -3.00 6.47 12.96
C LYS A 23 -2.57 5.59 14.15
N PRO A 24 -1.47 4.83 13.98
CA PRO A 24 -0.77 4.70 12.71
C PRO A 24 -1.38 3.65 11.80
N PHE A 25 -2.08 4.08 10.76
CA PHE A 25 -2.66 3.17 9.78
C PHE A 25 -2.59 3.83 8.41
N ALA A 26 -2.34 3.04 7.38
CA ALA A 26 -2.23 3.60 6.04
C ALA A 26 -3.25 2.97 5.11
N ALA A 27 -3.87 3.82 4.28
CA ALA A 27 -4.72 3.38 3.21
C ALA A 27 -3.91 2.57 2.20
N PHE A 28 -3.88 1.27 2.41
CA PHE A 28 -3.10 0.38 1.58
C PHE A 28 -3.97 -0.18 0.47
N GLY A 29 -4.01 0.57 -0.63
CA GLY A 29 -4.72 0.15 -1.82
C GLY A 29 -6.12 -0.35 -1.52
N THR A 30 -6.45 -1.47 -2.10
CA THR A 30 -7.73 -2.12 -1.88
C THR A 30 -7.51 -3.61 -1.77
N CYS A 31 -8.21 -4.28 -0.86
CA CYS A 31 -8.05 -5.70 -0.69
C CYS A 31 -8.83 -6.49 -1.75
N SER A 32 -10.15 -6.48 -1.65
CA SER A 32 -10.97 -7.25 -2.55
C SER A 32 -11.68 -6.32 -3.52
N TRP A 33 -12.65 -5.57 -3.00
CA TRP A 33 -13.36 -4.61 -3.81
C TRP A 33 -12.66 -3.27 -3.71
N ARG A 34 -12.63 -2.54 -4.82
CA ARG A 34 -11.98 -1.23 -4.86
C ARG A 34 -12.76 -0.23 -4.02
N GLN A 35 -14.03 -0.54 -3.84
CA GLN A 35 -14.93 0.26 -3.01
C GLN A 35 -14.40 0.43 -1.59
N LYS A 36 -13.57 -0.51 -1.16
CA LYS A 36 -13.04 -0.50 0.19
C LYS A 36 -11.51 -0.40 0.19
N THR A 37 -10.99 0.24 1.21
CA THR A 37 -9.56 0.45 1.35
C THR A 37 -9.00 -0.46 2.44
N CYS A 38 -7.78 -0.95 2.25
CA CYS A 38 -7.16 -1.84 3.22
C CYS A 38 -6.31 -1.02 4.17
N CYS A 39 -6.59 -1.10 5.46
CA CYS A 39 -5.90 -0.26 6.43
C CYS A 39 -5.21 -1.10 7.50
N VAL A 40 -3.88 -1.05 7.50
CA VAL A 40 -3.09 -1.77 8.49
C VAL A 40 -2.35 -0.79 9.38
N ASP A 41 -2.08 -1.18 10.61
CA ASP A 41 -1.30 -0.40 11.52
C ASP A 41 0.13 -0.29 11.02
N THR A 42 0.41 0.79 10.32
CA THR A 42 1.67 0.93 9.61
C THR A 42 2.76 1.52 10.50
N THR A 43 3.42 0.64 11.24
CA THR A 43 4.58 1.03 12.01
C THR A 43 5.86 0.34 11.50
N SER A 44 5.91 -0.99 11.59
CA SER A 44 7.05 -1.78 11.12
C SER A 44 6.82 -2.37 9.73
N ASP A 45 5.71 -3.09 9.59
CA ASP A 45 5.44 -3.92 8.41
C ASP A 45 4.93 -3.10 7.24
N PHE A 46 4.68 -1.81 7.48
CA PHE A 46 4.20 -0.88 6.47
C PHE A 46 5.02 -0.90 5.17
N HIS A 47 6.24 -1.42 5.25
CA HIS A 47 7.11 -1.60 4.07
C HIS A 47 6.49 -2.50 3.00
N THR A 48 5.28 -2.99 3.29
CA THR A 48 4.49 -3.86 2.43
C THR A 48 4.40 -3.42 0.96
N CYS A 49 4.83 -2.19 0.65
CA CYS A 49 4.63 -1.58 -0.68
C CYS A 49 4.79 -2.56 -1.85
N GLN A 50 5.80 -3.42 -1.83
CA GLN A 50 6.03 -4.36 -2.93
C GLN A 50 4.81 -5.24 -3.21
N ASP A 51 4.04 -5.57 -2.18
CA ASP A 51 2.87 -6.42 -2.33
C ASP A 51 1.70 -5.64 -2.93
N LYS A 52 1.74 -4.32 -2.76
CA LYS A 52 0.76 -3.42 -3.36
C LYS A 52 0.97 -3.33 -4.86
N GLY A 53 2.04 -3.94 -5.33
CA GLY A 53 2.48 -3.71 -6.68
C GLY A 53 3.45 -2.54 -6.69
N GLY A 54 4.29 -2.50 -5.65
CA GLY A 54 5.22 -1.39 -5.48
C GLY A 54 6.06 -1.16 -6.70
N HIS A 55 5.85 -0.03 -7.32
CA HIS A 55 6.48 0.29 -8.57
C HIS A 55 7.88 0.84 -8.34
N CYS A 56 8.73 0.63 -9.31
CA CYS A 56 10.11 1.06 -9.21
C CYS A 56 10.44 1.99 -10.35
N VAL A 57 10.70 3.24 -10.03
CA VAL A 57 11.02 4.21 -11.04
C VAL A 57 12.35 4.87 -10.77
N SER A 58 13.13 5.00 -11.84
CA SER A 58 14.38 5.73 -11.80
C SER A 58 14.11 7.20 -11.56
N PRO A 59 15.06 7.92 -10.95
CA PRO A 59 14.90 9.34 -10.63
C PRO A 59 14.64 10.20 -11.87
N LYS A 60 14.82 9.62 -13.06
CA LYS A 60 14.54 10.33 -14.30
C LYS A 60 13.09 10.14 -14.73
N ILE A 61 12.38 9.26 -14.04
CA ILE A 61 10.97 9.03 -14.32
C ILE A 61 10.15 10.10 -13.61
N ARG A 62 8.96 10.36 -14.13
CA ARG A 62 8.09 11.35 -13.51
C ARG A 62 6.83 10.70 -12.96
N CYS A 63 6.96 10.26 -11.72
CA CYS A 63 5.88 9.61 -10.99
C CYS A 63 5.80 10.21 -9.61
N LEU A 64 4.64 10.11 -8.97
CA LEU A 64 4.57 10.43 -7.57
C LEU A 64 5.20 9.28 -6.81
N GLU A 65 6.52 9.32 -6.73
CA GLU A 65 7.30 8.19 -6.30
C GLU A 65 7.48 8.14 -4.79
N GLU A 66 6.53 7.50 -4.13
CA GLU A 66 6.65 7.11 -2.72
C GLU A 66 5.43 6.32 -2.29
N GLN A 67 5.61 5.03 -2.10
CA GLN A 67 4.58 4.17 -1.55
C GLN A 67 4.94 3.81 -0.11
N LEU A 68 6.03 3.07 0.06
CA LEU A 68 6.53 2.74 1.40
C LEU A 68 7.84 1.94 1.32
N GLY A 69 8.90 2.58 0.86
CA GLY A 69 10.19 1.90 0.85
C GLY A 69 11.09 2.31 -0.28
N LEU A 70 12.28 1.72 -0.31
CA LEU A 70 13.26 2.00 -1.35
C LEU A 70 13.40 0.77 -2.25
N CYS A 71 13.53 1.01 -3.53
CA CYS A 71 13.53 -0.05 -4.54
C CYS A 71 14.89 -0.73 -4.69
N PRO A 72 14.92 -1.92 -5.34
CA PRO A 72 16.16 -2.64 -5.66
C PRO A 72 17.33 -1.72 -6.02
N LEU A 73 17.13 -0.83 -6.98
CA LEU A 73 18.16 0.15 -7.31
C LEU A 73 18.18 1.23 -6.24
N LYS A 74 19.34 1.84 -6.09
CA LYS A 74 19.62 2.70 -4.94
C LYS A 74 18.94 4.06 -5.07
N ARG A 75 18.79 4.54 -6.28
CA ARG A 75 18.21 5.86 -6.50
C ARG A 75 16.76 5.75 -6.95
N TRP A 76 16.22 4.55 -6.88
CA TRP A 76 14.83 4.33 -7.26
C TRP A 76 13.96 4.26 -6.03
N THR A 77 12.84 4.93 -6.08
CA THR A 77 11.89 4.92 -4.98
C THR A 77 10.76 3.92 -5.26
N CYS A 78 10.34 3.21 -4.22
CA CYS A 78 9.18 2.33 -4.32
C CYS A 78 7.93 3.20 -4.42
N CYS A 79 7.49 3.41 -5.65
CA CYS A 79 6.45 4.37 -5.94
C CYS A 79 5.06 3.75 -5.89
N LYS A 80 4.08 4.56 -5.52
CA LYS A 80 2.73 4.07 -5.35
C LYS A 80 1.91 4.23 -6.61
N GLU A 81 1.83 3.15 -7.37
CA GLU A 81 0.91 3.04 -8.51
C GLU A 81 1.10 4.17 -9.50
N ILE A 82 1.96 3.93 -10.49
CA ILE A 82 2.28 4.92 -11.51
C ILE A 82 1.05 5.26 -12.33
N LEU A 1 -17.17 -12.38 4.60
CA LEU A 1 -16.44 -11.18 4.14
C LEU A 1 -16.20 -11.23 2.63
N PRO A 2 -15.83 -10.09 2.03
CA PRO A 2 -15.46 -10.03 0.61
C PRO A 2 -14.28 -10.94 0.29
N ARG A 3 -14.09 -11.20 -1.00
CA ARG A 3 -13.11 -12.20 -1.48
C ARG A 3 -11.75 -12.07 -0.80
N ASP A 4 -11.24 -10.86 -0.72
CA ASP A 4 -9.87 -10.63 -0.25
C ASP A 4 -9.81 -9.89 1.08
N THR A 5 -10.93 -9.76 1.78
CA THR A 5 -10.93 -9.04 3.04
C THR A 5 -10.36 -9.88 4.19
N SER A 6 -10.87 -11.10 4.35
CA SER A 6 -10.39 -11.99 5.39
C SER A 6 -8.92 -12.34 5.12
N ARG A 7 -8.54 -12.23 3.86
CA ARG A 7 -7.16 -12.38 3.43
C ARG A 7 -6.34 -11.17 3.84
N CYS A 8 -6.81 -10.00 3.44
CA CYS A 8 -6.05 -8.77 3.58
C CYS A 8 -5.90 -8.36 5.03
N VAL A 9 -6.94 -8.59 5.82
CA VAL A 9 -6.99 -8.14 7.20
C VAL A 9 -5.80 -8.65 8.02
N GLY A 10 -5.28 -9.80 7.65
CA GLY A 10 -4.11 -10.33 8.33
C GLY A 10 -2.82 -9.88 7.67
N TYR A 11 -2.91 -9.54 6.39
CA TYR A 11 -1.74 -9.16 5.61
C TYR A 11 -1.51 -7.66 5.62
N HIS A 12 -2.38 -6.92 4.94
CA HIS A 12 -2.17 -5.50 4.70
C HIS A 12 -3.19 -4.68 5.46
N GLY A 13 -3.81 -5.29 6.47
CA GLY A 13 -4.73 -4.57 7.31
C GLY A 13 -6.17 -4.83 6.94
N TYR A 14 -7.08 -4.28 7.72
CA TYR A 14 -8.50 -4.54 7.57
C TYR A 14 -9.08 -3.77 6.39
N CYS A 15 -10.33 -4.03 6.06
CA CYS A 15 -10.94 -3.44 4.88
C CYS A 15 -12.14 -2.58 5.24
N ILE A 16 -11.89 -1.31 5.52
CA ILE A 16 -12.97 -0.37 5.76
C ILE A 16 -13.35 0.28 4.44
N ARG A 17 -14.45 1.01 4.43
CA ARG A 17 -14.91 1.60 3.19
C ARG A 17 -13.91 2.64 2.66
N SER A 18 -13.44 3.50 3.53
CA SER A 18 -12.72 4.69 3.09
C SER A 18 -11.28 4.71 3.61
N LYS A 19 -10.50 5.65 3.11
CA LYS A 19 -9.07 5.74 3.42
C LYS A 19 -8.86 6.54 4.69
N VAL A 20 -9.92 6.59 5.49
CA VAL A 20 -9.94 7.31 6.76
C VAL A 20 -9.15 6.57 7.85
N CYS A 21 -8.10 5.89 7.43
CA CYS A 21 -7.28 5.08 8.32
C CYS A 21 -6.78 5.89 9.52
N PRO A 22 -6.96 5.34 10.73
CA PRO A 22 -6.44 5.94 11.97
C PRO A 22 -4.92 5.84 12.04
N LYS A 23 -4.33 6.24 13.15
CA LYS A 23 -2.89 6.14 13.31
C LYS A 23 -2.52 5.15 14.41
N PRO A 24 -1.42 4.41 14.22
CA PRO A 24 -0.69 4.39 12.95
C PRO A 24 -1.26 3.39 11.95
N PHE A 25 -1.97 3.89 10.95
CA PHE A 25 -2.51 3.04 9.89
C PHE A 25 -2.43 3.78 8.58
N ALA A 26 -2.23 3.04 7.50
CA ALA A 26 -2.15 3.66 6.19
C ALA A 26 -3.08 2.98 5.21
N ALA A 27 -3.69 3.79 4.36
CA ALA A 27 -4.51 3.29 3.27
C ALA A 27 -3.65 2.53 2.29
N PHE A 28 -3.66 1.21 2.41
CA PHE A 28 -2.87 0.37 1.53
C PHE A 28 -3.74 -0.16 0.41
N GLY A 29 -3.79 0.62 -0.66
CA GLY A 29 -4.54 0.25 -1.84
C GLY A 29 -5.96 -0.19 -1.52
N THR A 30 -6.34 -1.30 -2.12
CA THR A 30 -7.64 -1.90 -1.89
C THR A 30 -7.47 -3.40 -1.83
N CYS A 31 -8.28 -4.08 -1.02
CA CYS A 31 -8.12 -5.51 -0.84
C CYS A 31 -8.95 -6.30 -1.85
N SER A 32 -10.26 -6.27 -1.71
CA SER A 32 -11.12 -7.01 -2.60
C SER A 32 -11.78 -6.07 -3.59
N TRP A 33 -12.72 -5.28 -3.10
CA TRP A 33 -13.35 -4.26 -3.91
C TRP A 33 -12.60 -2.95 -3.73
N ARG A 34 -12.59 -2.11 -4.76
CA ARG A 34 -11.89 -0.83 -4.71
C ARG A 34 -12.60 0.11 -3.75
N GLN A 35 -13.91 -0.07 -3.64
CA GLN A 35 -14.74 0.73 -2.74
C GLN A 35 -14.34 0.62 -1.28
N LYS A 36 -13.40 -0.26 -0.97
CA LYS A 36 -12.87 -0.38 0.38
C LYS A 36 -11.35 -0.44 0.40
N THR A 37 -10.76 0.18 1.41
CA THR A 37 -9.32 0.32 1.52
C THR A 37 -8.75 -0.71 2.49
N CYS A 38 -7.52 -1.15 2.24
CA CYS A 38 -6.85 -2.08 3.13
C CYS A 38 -5.96 -1.29 4.09
N CYS A 39 -6.42 -1.13 5.32
CA CYS A 39 -5.72 -0.29 6.28
C CYS A 39 -4.98 -1.12 7.32
N VAL A 40 -3.68 -1.17 7.20
CA VAL A 40 -2.85 -1.91 8.14
C VAL A 40 -2.22 -0.96 9.14
N ASP A 41 -1.98 -1.45 10.34
CA ASP A 41 -1.22 -0.70 11.33
C ASP A 41 0.20 -0.56 10.83
N THR A 42 0.53 0.64 10.41
CA THR A 42 1.77 0.89 9.71
C THR A 42 2.84 1.48 10.61
N THR A 43 3.57 0.62 11.30
CA THR A 43 4.75 1.03 12.03
C THR A 43 6.01 0.40 11.42
N SER A 44 6.12 -0.92 11.51
CA SER A 44 7.25 -1.65 10.95
C SER A 44 6.91 -2.26 9.58
N ASP A 45 5.85 -3.07 9.58
CA ASP A 45 5.49 -3.90 8.42
C ASP A 45 4.94 -3.06 7.27
N PHE A 46 4.70 -1.78 7.54
CA PHE A 46 4.14 -0.84 6.57
C PHE A 46 4.95 -0.76 5.26
N HIS A 47 6.09 -1.39 5.27
CA HIS A 47 6.94 -1.53 4.08
C HIS A 47 6.24 -2.32 2.97
N THR A 48 4.99 -2.73 3.21
CA THR A 48 4.19 -3.61 2.33
C THR A 48 4.18 -3.23 0.83
N CYS A 49 4.76 -2.10 0.46
CA CYS A 49 4.71 -1.62 -0.91
C CYS A 49 5.04 -2.71 -1.94
N GLN A 50 6.18 -3.40 -1.77
CA GLN A 50 6.60 -4.42 -2.73
C GLN A 50 5.63 -5.60 -2.75
N ASP A 51 4.94 -5.82 -1.65
CA ASP A 51 4.01 -6.94 -1.54
C ASP A 51 2.76 -6.65 -2.37
N LYS A 52 2.34 -5.39 -2.38
CA LYS A 52 1.22 -4.98 -3.22
C LYS A 52 1.61 -4.94 -4.68
N GLY A 53 2.92 -4.84 -4.91
CA GLY A 53 3.42 -4.61 -6.24
C GLY A 53 4.19 -3.31 -6.30
N GLY A 54 5.19 -3.20 -5.45
CA GLY A 54 5.99 -2.00 -5.39
C GLY A 54 7.16 -2.05 -6.33
N HIS A 55 7.08 -1.24 -7.36
CA HIS A 55 8.09 -1.23 -8.40
C HIS A 55 9.03 -0.04 -8.21
N CYS A 56 10.25 -0.18 -8.67
CA CYS A 56 11.24 0.87 -8.54
C CYS A 56 11.33 1.67 -9.82
N VAL A 57 10.95 2.94 -9.73
CA VAL A 57 10.97 3.81 -10.89
C VAL A 57 11.81 5.04 -10.62
N SER A 58 12.54 5.46 -11.63
CA SER A 58 13.36 6.65 -11.55
C SER A 58 12.46 7.87 -11.57
N PRO A 59 12.96 9.03 -11.14
CA PRO A 59 12.18 10.27 -11.16
C PRO A 59 11.88 10.73 -12.59
N LYS A 60 12.41 9.99 -13.56
CA LYS A 60 12.20 10.27 -14.96
C LYS A 60 11.20 9.29 -15.56
N ILE A 61 10.80 8.31 -14.76
CA ILE A 61 9.77 7.36 -15.16
C ILE A 61 8.39 7.98 -14.94
N ARG A 62 7.46 7.69 -15.81
CA ARG A 62 6.11 8.19 -15.65
C ARG A 62 5.22 7.10 -15.07
N CYS A 63 5.21 7.03 -13.76
CA CYS A 63 4.40 6.06 -13.04
C CYS A 63 3.67 6.75 -11.90
N LEU A 64 2.54 6.19 -11.49
CA LEU A 64 1.90 6.64 -10.28
C LEU A 64 2.72 6.15 -9.09
N GLU A 65 3.74 6.93 -8.76
CA GLU A 65 4.71 6.56 -7.76
C GLU A 65 4.26 6.95 -6.36
N GLU A 66 5.03 6.48 -5.38
CA GLU A 66 4.84 6.78 -3.96
C GLU A 66 3.81 5.86 -3.33
N GLN A 67 4.23 4.63 -3.09
CA GLN A 67 3.43 3.70 -2.31
C GLN A 67 3.93 3.69 -0.86
N LEU A 68 5.19 3.31 -0.70
CA LEU A 68 5.82 3.27 0.62
C LEU A 68 7.30 2.91 0.49
N GLY A 69 8.18 3.87 0.69
CA GLY A 69 9.59 3.56 0.79
C GLY A 69 10.42 4.15 -0.33
N LEU A 70 11.72 4.27 -0.06
CA LEU A 70 12.67 4.76 -1.03
C LEU A 70 13.44 3.57 -1.60
N CYS A 71 13.60 3.55 -2.92
CA CYS A 71 14.23 2.45 -3.62
C CYS A 71 15.75 2.51 -3.56
N PRO A 72 16.45 1.38 -3.87
CA PRO A 72 17.92 1.30 -3.86
C PRO A 72 18.61 2.57 -4.38
N LEU A 73 18.17 3.07 -5.53
CA LEU A 73 18.70 4.33 -6.03
C LEU A 73 18.10 5.49 -5.25
N LYS A 74 18.94 6.47 -4.96
CA LYS A 74 18.64 7.52 -4.00
C LYS A 74 17.45 8.39 -4.44
N ARG A 75 17.24 8.51 -5.74
CA ARG A 75 16.18 9.37 -6.26
C ARG A 75 15.01 8.56 -6.82
N TRP A 76 15.00 7.26 -6.53
CA TRP A 76 13.91 6.40 -7.00
C TRP A 76 12.87 6.20 -5.92
N THR A 77 11.64 6.00 -6.34
CA THR A 77 10.53 5.84 -5.43
C THR A 77 9.95 4.43 -5.53
N CYS A 78 9.52 3.87 -4.39
CA CYS A 78 8.80 2.61 -4.41
C CYS A 78 7.38 2.90 -4.89
N CYS A 79 7.16 2.67 -6.17
CA CYS A 79 5.94 3.08 -6.84
C CYS A 79 4.85 2.03 -6.76
N LYS A 80 3.61 2.49 -6.80
CA LYS A 80 2.46 1.63 -6.63
C LYS A 80 2.01 1.06 -7.97
N GLU A 81 2.46 -0.16 -8.26
CA GLU A 81 1.97 -0.96 -9.38
C GLU A 81 1.92 -0.20 -10.70
N ILE A 82 2.99 -0.30 -11.48
CA ILE A 82 3.08 0.35 -12.77
C ILE A 82 2.03 -0.22 -13.73
#